data_6OMS
#
_entry.id   6OMS
#
_cell.length_a   91.438
_cell.length_b   67.002
_cell.length_c   100.964
_cell.angle_alpha   90.00
_cell.angle_beta   106.36
_cell.angle_gamma   90.00
#
_symmetry.space_group_name_H-M   'P 1 21 1'
#
loop_
_entity.id
_entity.type
_entity.pdbx_description
1 polymer '4-substituted benzoates-glutamate ligase GH3.12'
2 non-polymer 'ADENOSINE MONOPHOSPHATE'
3 non-polymer '(3R,4R)-3-[(1-carboxyethenyl)oxy]-4-hydroxycyclohexa-1,5-diene-1-carboxylic acid'
4 water water
#
_entity_poly.entity_id   1
_entity_poly.type   'polypeptide(L)'
_entity_poly.pdbx_seq_one_letter_code
;MKPIFDINETFEKQLKDLTSNVKSIQDNLLEEIITPNTKTEYLQRFLIDRFDKELFKKNVPIVSYEDIKPYLDRVVNGES
SDVISARTITGFLLSSGTSGGAQKMMPWNNKYLDNLTFIYDLRMQVITKHVKGVEEGKGMMFLFTKQESMTPSGLPARVA
TSSYFKSDYFKNRPSNWYYSYTSPDEVILCPNNTESLYCHLLCGLVQRDEVVRTGSIFASVMVRAIEVLKNSWEELCSNI
RSGHLSNWVTDLGCQNSVSLVLGGPRPELADTIEEICNQNSWKGIVKRLWPNTKYIETVVTGSMGQYVPMLNYYCNDLPL
VSTTYGSSETTFGINLDPLCKPEDVSYTFMPNMSYFEFIPMDGGDKNDVVDLEDVKLGCTYEPVVTNFAGLYRMRVGDIV
LVTGFYNNAPQFKFVRRENVVLSIDSDKTNEEDLFKAVSQAKLVLESSGLDLKDFTSYADTSTFPGHYVVYLEVDTKEGE
EKETAQFELDEEALSTCCLVMEESLDNVYKRCRFKDGSIGPLEIRVVRQGTFDSLMDFFISQGASTGQYKTPRCIKSGKA
LQVLETCVVAKFFSI
;
_entity_poly.pdbx_strand_id   A,B
#
loop_
_chem_comp.id
_chem_comp.type
_chem_comp.name
_chem_comp.formula
AMP non-polymer 'ADENOSINE MONOPHOSPHATE' 'C10 H14 N5 O7 P'
ISJ non-polymer '(3R,4R)-3-[(1-carboxyethenyl)oxy]-4-hydroxycyclohexa-1,5-diene-1-carboxylic acid' 'C10 H10 O6'
#
# COMPACT_ATOMS: atom_id res chain seq x y z
N GLU A 9 40.22 3.29 -30.56
CA GLU A 9 40.93 4.35 -31.26
C GLU A 9 40.02 5.55 -31.49
N THR A 10 38.86 5.29 -32.11
CA THR A 10 37.85 6.33 -32.28
C THR A 10 37.40 6.88 -30.94
N PHE A 11 37.16 5.99 -29.95
CA PHE A 11 36.75 6.46 -28.64
C PHE A 11 37.86 7.23 -27.94
N GLU A 12 39.10 6.71 -27.98
CA GLU A 12 40.19 7.40 -27.31
C GLU A 12 40.34 8.82 -27.85
N LYS A 13 40.25 9.00 -29.17
CA LYS A 13 40.31 10.32 -29.76
C LYS A 13 39.09 11.16 -29.40
N GLN A 14 37.90 10.55 -29.44
CA GLN A 14 36.68 11.25 -29.05
C GLN A 14 36.80 11.85 -27.66
N LEU A 15 37.20 11.05 -26.68
CA LEU A 15 37.22 11.53 -25.29
C LEU A 15 38.33 12.56 -25.09
N LYS A 16 39.51 12.33 -25.69
CA LYS A 16 40.57 13.34 -25.64
C LYS A 16 40.07 14.68 -26.18
N ASP A 17 39.40 14.68 -27.34
CA ASP A 17 38.90 15.91 -27.93
C ASP A 17 37.85 16.59 -27.04
N LEU A 18 36.89 15.80 -26.53
CA LEU A 18 35.84 16.35 -25.68
C LEU A 18 36.41 17.03 -24.44
N THR A 19 37.37 16.38 -23.79
CA THR A 19 37.87 16.92 -22.53
C THR A 19 39.03 17.90 -22.69
N SER A 20 39.57 18.06 -23.90
CA SER A 20 40.62 19.03 -24.15
C SER A 20 40.13 20.35 -24.75
N ASN A 21 39.09 20.33 -25.58
CA ASN A 21 38.60 21.52 -26.26
C ASN A 21 37.35 22.09 -25.61
N VAL A 22 37.30 22.09 -24.27
CA VAL A 22 36.08 22.42 -23.52
C VAL A 22 35.62 23.85 -23.85
N LYS A 23 36.54 24.81 -23.78
CA LYS A 23 36.18 26.21 -24.06
C LYS A 23 35.59 26.38 -25.45
N SER A 24 36.25 25.82 -26.47
CA SER A 24 35.75 25.95 -27.84
C SER A 24 34.43 25.23 -28.04
N ILE A 25 34.29 24.02 -27.49
CA ILE A 25 33.05 23.27 -27.65
C ILE A 25 31.90 24.00 -26.98
N GLN A 26 32.13 24.54 -25.78
CA GLN A 26 31.09 25.27 -25.07
C GLN A 26 30.66 26.52 -25.84
N ASP A 27 31.63 27.33 -26.29
CA ASP A 27 31.30 28.56 -27.01
C ASP A 27 30.53 28.27 -28.29
N ASN A 28 30.94 27.23 -29.03
CA ASN A 28 30.21 26.84 -30.25
C ASN A 28 28.83 26.29 -29.94
N LEU A 29 28.68 25.58 -28.82
CA LEU A 29 27.37 25.04 -28.47
C LEU A 29 26.39 26.16 -28.14
N LEU A 30 26.86 27.21 -27.45
CA LEU A 30 25.99 28.34 -27.17
C LEU A 30 25.48 28.99 -28.46
N GLU A 31 26.39 29.21 -29.41
CA GLU A 31 26.00 29.72 -30.72
C GLU A 31 25.04 28.76 -31.41
N GLU A 32 25.32 27.45 -31.32
CA GLU A 32 24.43 26.46 -31.93
C GLU A 32 23.02 26.53 -31.34
N ILE A 33 22.92 26.67 -30.01
CA ILE A 33 21.63 26.77 -29.33
C ILE A 33 20.93 28.10 -29.65
N ILE A 34 21.65 29.22 -29.54
CA ILE A 34 21.01 30.53 -29.54
C ILE A 34 20.60 30.98 -30.95
N THR A 35 21.39 30.68 -31.97
CA THR A 35 21.17 31.27 -33.29
C THR A 35 19.75 31.07 -33.83
N PRO A 36 19.16 29.87 -33.80
CA PRO A 36 17.80 29.72 -34.32
C PRO A 36 16.72 30.20 -33.36
N ASN A 37 17.10 30.69 -32.17
CA ASN A 37 16.15 31.10 -31.15
C ASN A 37 16.10 32.60 -30.90
N THR A 38 16.88 33.40 -31.63
CA THR A 38 16.90 34.84 -31.37
C THR A 38 15.55 35.50 -31.66
N LYS A 39 14.68 34.86 -32.44
CA LYS A 39 13.36 35.40 -32.74
C LYS A 39 12.25 34.78 -31.89
N THR A 40 12.57 33.93 -30.91
CA THR A 40 11.54 33.48 -29.99
C THR A 40 11.03 34.66 -29.15
N GLU A 41 9.77 34.56 -28.71
CA GLU A 41 9.22 35.58 -27.82
C GLU A 41 10.13 35.80 -26.61
N TYR A 42 10.67 34.71 -26.06
CA TYR A 42 11.45 34.81 -24.83
C TYR A 42 12.75 35.60 -25.05
N LEU A 43 13.56 35.20 -26.04
CA LEU A 43 14.85 35.87 -26.23
C LEU A 43 14.71 37.23 -26.90
N GLN A 44 13.65 37.46 -27.68
CA GLN A 44 13.42 38.78 -28.27
C GLN A 44 13.19 39.84 -27.20
N ARG A 45 12.62 39.46 -26.07
CA ARG A 45 12.35 40.46 -25.04
C ARG A 45 13.61 40.89 -24.31
N PHE A 46 14.64 40.05 -24.30
CA PHE A 46 15.96 40.48 -23.83
C PHE A 46 16.82 40.96 -24.97
N LEU A 47 16.18 41.34 -26.08
CA LEU A 47 16.79 42.07 -27.18
C LEU A 47 18.00 41.35 -27.75
N ILE A 48 18.12 40.03 -27.58
CA ILE A 48 19.20 39.37 -28.29
C ILE A 48 18.73 39.18 -29.73
N ASP A 49 19.09 40.15 -30.56
CA ASP A 49 18.69 40.24 -31.97
C ASP A 49 19.44 39.26 -32.85
N ARG A 50 20.71 39.04 -32.54
CA ARG A 50 21.61 38.17 -33.29
C ARG A 50 22.39 37.39 -32.26
N PHE A 51 23.26 36.49 -32.69
CA PHE A 51 24.06 35.77 -31.71
C PHE A 51 25.33 36.55 -31.39
N ASP A 52 25.52 36.80 -30.10
CA ASP A 52 26.66 37.54 -29.57
C ASP A 52 26.81 37.12 -28.12
N LYS A 53 27.94 36.47 -27.79
CA LYS A 53 28.05 35.83 -26.48
C LYS A 53 28.03 36.85 -25.35
N GLU A 54 28.68 38.00 -25.52
CA GLU A 54 28.68 38.98 -24.44
C GLU A 54 27.31 39.63 -24.30
N LEU A 55 26.54 39.74 -25.39
CA LEU A 55 25.18 40.25 -25.31
C LEU A 55 24.27 39.28 -24.55
N PHE A 56 24.41 37.99 -24.83
CA PHE A 56 23.68 36.95 -24.08
C PHE A 56 23.96 37.07 -22.57
N LYS A 57 25.23 37.13 -22.19
CA LYS A 57 25.59 37.21 -20.78
C LYS A 57 25.10 38.50 -20.13
N LYS A 58 25.11 39.60 -20.88
CA LYS A 58 24.71 40.88 -20.30
C LYS A 58 23.19 41.00 -20.18
N ASN A 59 22.43 40.51 -21.16
CA ASN A 59 20.99 40.80 -21.24
C ASN A 59 20.11 39.65 -20.76
N VAL A 60 20.49 38.39 -20.95
CA VAL A 60 19.62 37.27 -20.60
C VAL A 60 19.72 37.00 -19.10
N PRO A 61 18.62 37.04 -18.36
CA PRO A 61 18.69 36.91 -16.90
C PRO A 61 18.88 35.47 -16.45
N ILE A 62 19.61 35.31 -15.36
CA ILE A 62 19.70 34.02 -14.68
C ILE A 62 18.40 33.81 -13.91
N VAL A 63 17.73 32.66 -14.15
CA VAL A 63 16.37 32.46 -13.67
C VAL A 63 16.25 31.18 -12.86
N SER A 64 15.26 31.17 -11.96
CA SER A 64 14.78 29.96 -11.32
C SER A 64 13.57 29.42 -12.08
N TYR A 65 13.21 28.16 -11.78
CA TYR A 65 12.01 27.57 -12.36
C TYR A 65 10.82 28.49 -12.20
N GLU A 66 10.64 29.05 -11.00
CA GLU A 66 9.50 29.93 -10.73
C GLU A 66 9.48 31.12 -11.67
N ASP A 67 10.65 31.70 -11.99
CA ASP A 67 10.70 32.87 -12.84
C ASP A 67 10.09 32.60 -14.21
N ILE A 68 10.35 31.42 -14.78
CA ILE A 68 9.95 31.15 -16.15
C ILE A 68 8.73 30.25 -16.26
N LYS A 69 8.17 29.81 -15.13
CA LYS A 69 6.98 28.95 -15.17
C LYS A 69 5.84 29.52 -15.99
N PRO A 70 5.54 30.82 -15.95
CA PRO A 70 4.50 31.35 -16.86
C PRO A 70 4.71 30.96 -18.32
N TYR A 71 5.96 30.97 -18.81
CA TYR A 71 6.22 30.54 -20.18
C TYR A 71 6.01 29.04 -20.35
N LEU A 72 6.49 28.24 -19.38
CA LEU A 72 6.32 26.79 -19.49
C LEU A 72 4.85 26.39 -19.41
N ASP A 73 4.08 27.07 -18.55
CA ASP A 73 2.64 26.82 -18.46
C ASP A 73 1.97 26.99 -19.82
N ARG A 74 2.42 27.97 -20.61
CA ARG A 74 1.76 28.22 -21.89
C ARG A 74 2.00 27.05 -22.85
N VAL A 75 3.22 26.52 -22.86
CA VAL A 75 3.55 25.38 -23.71
C VAL A 75 2.81 24.13 -23.23
N VAL A 76 2.83 23.88 -21.92
CA VAL A 76 2.09 22.76 -21.32
C VAL A 76 0.62 22.79 -21.71
N ASN A 77 0.04 23.99 -21.79
CA ASN A 77 -1.37 24.12 -22.12
C ASN A 77 -1.65 24.11 -23.62
N GLY A 78 -0.63 24.03 -24.47
CA GLY A 78 -0.84 23.84 -25.90
C GLY A 78 -0.43 25.00 -26.79
N GLU A 79 0.16 26.07 -26.25
CA GLU A 79 0.67 27.13 -27.10
C GLU A 79 1.93 26.66 -27.85
N SER A 80 2.16 27.24 -29.03
CA SER A 80 3.33 26.87 -29.83
C SER A 80 4.61 26.98 -29.01
N SER A 81 5.43 25.94 -29.06
CA SER A 81 6.70 25.95 -28.33
C SER A 81 7.63 27.07 -28.80
N ASP A 82 7.35 27.72 -29.94
CA ASP A 82 8.27 28.76 -30.40
C ASP A 82 8.27 30.00 -29.53
N VAL A 83 7.44 30.03 -28.49
CA VAL A 83 7.59 31.10 -27.50
C VAL A 83 8.95 31.01 -26.82
N ILE A 84 9.48 29.80 -26.66
CA ILE A 84 10.79 29.60 -26.02
C ILE A 84 11.77 28.78 -26.86
N SER A 85 11.35 27.99 -27.86
CA SER A 85 12.29 27.11 -28.56
C SER A 85 11.87 26.88 -30.00
N ALA A 86 12.77 27.20 -30.93
CA ALA A 86 12.59 26.88 -32.34
C ALA A 86 12.70 25.39 -32.61
N ARG A 87 13.18 24.62 -31.64
CA ARG A 87 13.18 23.17 -31.70
CA ARG A 87 13.17 23.16 -31.71
C ARG A 87 11.91 22.68 -31.00
N THR A 88 10.95 22.16 -31.76
CA THR A 88 9.62 21.85 -31.24
C THR A 88 9.67 21.01 -29.97
N ILE A 89 8.92 21.45 -28.95
CA ILE A 89 8.73 20.68 -27.72
CA ILE A 89 8.75 20.67 -27.73
C ILE A 89 7.67 19.62 -27.96
N THR A 90 8.07 18.34 -27.87
CA THR A 90 7.18 17.21 -28.18
C THR A 90 6.78 16.41 -26.93
N GLY A 91 7.15 16.89 -25.73
CA GLY A 91 6.83 16.23 -24.48
C GLY A 91 7.46 17.01 -23.34
N PHE A 92 7.23 16.55 -22.11
CA PHE A 92 7.79 17.17 -20.92
C PHE A 92 8.41 16.12 -20.01
N LEU A 93 9.35 16.55 -19.18
CA LEU A 93 9.96 15.69 -18.18
C LEU A 93 9.45 16.08 -16.81
N LEU A 94 9.01 15.07 -16.05
CA LEU A 94 8.60 15.24 -14.67
C LEU A 94 9.83 15.16 -13.77
N SER A 95 10.12 16.23 -13.06
CA SER A 95 11.25 16.24 -12.15
C SER A 95 10.84 15.75 -10.76
N SER A 96 11.78 15.11 -10.07
CA SER A 96 11.53 14.72 -8.68
C SER A 96 11.46 15.91 -7.75
N GLY A 97 12.01 17.05 -8.16
CA GLY A 97 11.84 18.26 -7.38
C GLY A 97 10.46 18.84 -7.57
N THR A 98 10.00 19.58 -6.57
CA THR A 98 8.65 20.13 -6.58
C THR A 98 8.70 21.63 -6.32
N SER A 99 7.60 22.29 -6.71
CA SER A 99 7.37 23.70 -6.39
C SER A 99 5.93 23.79 -5.89
N GLY A 100 5.76 23.83 -4.57
CA GLY A 100 4.44 23.83 -3.98
C GLY A 100 3.75 22.49 -4.09
N GLY A 101 4.46 21.43 -3.70
CA GLY A 101 3.92 20.09 -3.77
C GLY A 101 3.77 19.52 -5.16
N ALA A 102 3.79 20.35 -6.19
CA ALA A 102 3.63 19.90 -7.57
C ALA A 102 5.00 19.63 -8.19
N GLN A 103 5.11 18.49 -8.88
CA GLN A 103 6.34 18.18 -9.58
C GLN A 103 6.59 19.22 -10.67
N LYS A 104 7.86 19.59 -10.82
CA LYS A 104 8.22 20.50 -11.90
C LYS A 104 8.15 19.77 -13.24
N MET A 105 7.68 20.47 -14.26
CA MET A 105 7.61 19.95 -15.63
C MET A 105 8.57 20.73 -16.52
N MET A 106 9.57 20.04 -17.06
CA MET A 106 10.56 20.64 -17.94
C MET A 106 10.25 20.33 -19.39
N PRO A 107 10.52 21.28 -20.27
CA PRO A 107 10.31 21.04 -21.71
C PRO A 107 11.31 20.02 -22.25
N TRP A 108 10.89 19.28 -23.27
CA TRP A 108 11.65 18.13 -23.74
C TRP A 108 11.43 17.95 -25.24
N ASN A 109 12.46 17.43 -25.91
CA ASN A 109 12.39 17.05 -27.31
C ASN A 109 13.47 16.00 -27.55
N ASN A 110 13.56 15.50 -28.78
CA ASN A 110 14.45 14.37 -29.04
C ASN A 110 15.93 14.72 -28.91
N LYS A 111 16.29 16.00 -28.80
CA LYS A 111 17.67 16.37 -28.49
C LYS A 111 18.07 15.89 -27.10
N TYR A 112 17.11 15.77 -26.18
CA TYR A 112 17.40 15.17 -24.89
C TYR A 112 17.87 13.72 -25.05
N LEU A 113 17.18 12.96 -25.92
CA LEU A 113 17.54 11.58 -26.17
C LEU A 113 18.78 11.44 -27.06
N ASP A 114 19.02 12.40 -27.95
CA ASP A 114 20.29 12.44 -28.67
C ASP A 114 21.46 12.54 -27.69
N ASN A 115 21.37 13.45 -26.72
CA ASN A 115 22.44 13.59 -25.73
C ASN A 115 22.53 12.37 -24.83
N LEU A 116 21.38 11.81 -24.42
CA LEU A 116 21.38 10.69 -23.50
C LEU A 116 22.03 9.45 -24.13
N THR A 117 21.67 9.12 -25.38
CA THR A 117 22.30 7.98 -26.05
C THR A 117 23.76 8.26 -26.39
N PHE A 118 24.13 9.52 -26.64
CA PHE A 118 25.56 9.87 -26.74
C PHE A 118 26.31 9.51 -25.45
N ILE A 119 25.70 9.82 -24.30
CA ILE A 119 26.32 9.53 -23.01
C ILE A 119 26.33 8.04 -22.73
N TYR A 120 25.25 7.32 -23.06
CA TYR A 120 25.24 5.86 -22.94
C TYR A 120 26.39 5.23 -23.72
N ASP A 121 26.58 5.66 -24.97
CA ASP A 121 27.67 5.12 -25.79
C ASP A 121 29.04 5.48 -25.21
N LEU A 122 29.18 6.67 -24.64
CA LEU A 122 30.48 7.07 -24.10
C LEU A 122 30.83 6.30 -22.83
N ARG A 123 29.88 6.17 -21.92
CA ARG A 123 30.15 5.49 -20.66
C ARG A 123 30.34 4.00 -20.86
N MET A 124 29.65 3.42 -21.86
CA MET A 124 29.91 2.04 -22.29
C MET A 124 31.39 1.84 -22.63
N GLN A 125 31.97 2.76 -23.40
CA GLN A 125 33.37 2.63 -23.77
C GLN A 125 34.28 2.83 -22.56
N VAL A 126 33.90 3.73 -21.65
CA VAL A 126 34.67 3.93 -20.43
C VAL A 126 34.67 2.66 -19.59
N ILE A 127 33.49 2.04 -19.45
CA ILE A 127 33.38 0.82 -18.65
C ILE A 127 34.22 -0.30 -19.26
N THR A 128 34.07 -0.53 -20.58
CA THR A 128 34.77 -1.68 -21.15
CA THR A 128 34.78 -1.65 -21.22
C THR A 128 36.28 -1.44 -21.22
N LYS A 129 36.73 -0.18 -21.24
CA LYS A 129 38.16 0.08 -21.15
C LYS A 129 38.72 -0.46 -19.83
N HIS A 130 37.98 -0.28 -18.73
CA HIS A 130 38.51 -0.61 -17.42
C HIS A 130 38.04 -1.94 -16.86
N VAL A 131 36.94 -2.50 -17.36
CA VAL A 131 36.35 -3.73 -16.82
C VAL A 131 36.34 -4.81 -17.89
N LYS A 132 37.05 -5.89 -17.64
CA LYS A 132 37.13 -7.04 -18.54
C LYS A 132 36.01 -8.04 -18.28
N GLY A 133 35.73 -8.85 -19.30
CA GLY A 133 34.78 -9.93 -19.19
C GLY A 133 33.33 -9.51 -19.24
N VAL A 134 33.00 -8.43 -19.95
CA VAL A 134 31.62 -7.97 -20.03
C VAL A 134 31.01 -8.05 -21.42
N GLU A 135 31.81 -8.07 -22.49
CA GLU A 135 31.27 -7.92 -23.85
C GLU A 135 30.59 -9.17 -24.40
N GLU A 136 30.70 -10.33 -23.76
CA GLU A 136 30.04 -11.53 -24.27
C GLU A 136 28.75 -11.87 -23.51
N GLY A 137 28.34 -11.03 -22.56
CA GLY A 137 27.23 -11.36 -21.70
C GLY A 137 26.13 -10.32 -21.74
N LYS A 138 25.22 -10.39 -20.78
CA LYS A 138 24.05 -9.52 -20.72
C LYS A 138 23.99 -8.88 -19.36
N GLY A 139 23.13 -7.87 -19.23
CA GLY A 139 22.92 -7.16 -17.99
C GLY A 139 21.57 -7.54 -17.39
N MET A 140 21.57 -7.84 -16.11
CA MET A 140 20.31 -8.00 -15.39
C MET A 140 20.01 -6.64 -14.78
N MET A 141 19.32 -5.80 -15.55
CA MET A 141 19.15 -4.40 -15.22
C MET A 141 17.71 -4.16 -14.79
N PHE A 142 17.54 -3.69 -13.55
CA PHE A 142 16.24 -3.42 -12.98
C PHE A 142 15.80 -2.05 -13.48
N LEU A 143 15.28 -2.04 -14.70
CA LEU A 143 14.81 -0.84 -15.38
C LEU A 143 13.28 -0.84 -15.40
N PHE A 144 12.69 0.33 -15.13
CA PHE A 144 11.25 0.44 -14.98
C PHE A 144 10.70 1.58 -15.82
N THR A 145 9.53 1.34 -16.39
CA THR A 145 8.76 2.36 -17.09
C THR A 145 7.66 2.84 -16.15
N LYS A 146 7.48 4.14 -16.07
CA LYS A 146 6.38 4.73 -15.30
C LYS A 146 5.41 5.38 -16.27
N GLN A 147 4.12 5.09 -16.09
CA GLN A 147 3.10 5.59 -16.99
C GLN A 147 3.10 7.11 -17.04
N GLU A 148 2.81 7.65 -18.22
CA GLU A 148 2.90 9.08 -18.45
C GLU A 148 1.64 9.81 -17.92
N SER A 149 1.82 11.09 -17.60
CA SER A 149 0.72 12.01 -17.31
C SER A 149 0.43 12.85 -18.54
N MET A 150 -0.85 13.07 -18.81
CA MET A 150 -1.28 13.88 -19.94
C MET A 150 -1.38 15.35 -19.54
N THR A 151 -0.94 16.23 -20.42
CA THR A 151 -1.07 17.66 -20.25
C THR A 151 -2.15 18.20 -21.18
N PRO A 152 -2.71 19.39 -20.92
CA PRO A 152 -3.79 19.89 -21.78
C PRO A 152 -3.36 20.08 -23.23
N SER A 153 -2.06 20.27 -23.49
CA SER A 153 -1.56 20.35 -24.85
C SER A 153 -1.74 19.04 -25.61
N GLY A 154 -2.02 17.95 -24.91
CA GLY A 154 -2.02 16.63 -25.51
C GLY A 154 -0.67 15.92 -25.51
N LEU A 155 0.40 16.60 -25.09
CA LEU A 155 1.73 16.00 -25.03
C LEU A 155 1.95 15.33 -23.67
N PRO A 156 2.68 14.22 -23.64
CA PRO A 156 2.85 13.49 -22.38
C PRO A 156 3.99 14.05 -21.55
N ALA A 157 3.86 13.89 -20.24
CA ALA A 157 4.92 14.19 -19.28
C ALA A 157 5.39 12.87 -18.68
N ARG A 158 6.69 12.64 -18.72
CA ARG A 158 7.27 11.38 -18.26
C ARG A 158 8.53 11.67 -17.45
N VAL A 159 8.94 10.69 -16.63
CA VAL A 159 10.27 10.78 -16.01
C VAL A 159 11.34 10.48 -17.06
N ALA A 160 12.56 11.00 -16.82
CA ALA A 160 13.59 11.01 -17.86
C ALA A 160 13.78 9.65 -18.54
N THR A 161 14.00 8.59 -17.76
CA THR A 161 14.30 7.30 -18.38
C THR A 161 13.07 6.70 -19.07
N SER A 162 11.86 7.00 -18.57
CA SER A 162 10.66 6.56 -19.27
C SER A 162 10.52 7.26 -20.63
N SER A 163 11.00 8.51 -20.74
CA SER A 163 10.97 9.17 -22.05
C SER A 163 11.86 8.45 -23.04
N TYR A 164 12.92 7.78 -22.56
CA TYR A 164 13.78 6.96 -23.41
C TYR A 164 13.16 5.59 -23.69
N PHE A 165 12.75 4.85 -22.65
CA PHE A 165 12.18 3.51 -22.86
C PHE A 165 11.01 3.51 -23.83
N LYS A 166 10.13 4.51 -23.72
CA LYS A 166 8.96 4.55 -24.60
C LYS A 166 9.24 5.20 -25.96
N SER A 167 10.50 5.28 -26.37
CA SER A 167 10.88 5.82 -27.69
C SER A 167 11.58 4.75 -28.52
N ASP A 168 11.71 5.02 -29.82
CA ASP A 168 12.53 4.17 -30.68
C ASP A 168 14.02 4.31 -30.41
N TYR A 169 14.45 5.33 -29.68
CA TYR A 169 15.85 5.35 -29.25
C TYR A 169 16.16 4.10 -28.43
N PHE A 170 15.18 3.63 -27.64
CA PHE A 170 15.32 2.38 -26.90
C PHE A 170 14.90 1.17 -27.73
N LYS A 171 13.72 1.25 -28.37
CA LYS A 171 13.23 0.10 -29.13
C LYS A 171 14.21 -0.29 -30.24
N ASN A 172 14.80 0.69 -30.91
CA ASN A 172 15.70 0.43 -32.02
C ASN A 172 17.15 0.70 -31.62
N ARG A 173 17.50 0.36 -30.37
CA ARG A 173 18.83 0.63 -29.83
C ARG A 173 19.86 -0.29 -30.47
N PRO A 174 21.14 -0.01 -30.27
CA PRO A 174 22.18 -0.83 -30.89
C PRO A 174 22.18 -2.24 -30.32
N SER A 175 22.90 -3.11 -31.02
CA SER A 175 22.99 -4.53 -30.71
C SER A 175 24.42 -4.83 -30.25
N ASN A 176 24.66 -4.63 -28.97
CA ASN A 176 25.91 -5.04 -28.33
C ASN A 176 25.61 -5.34 -26.87
N TRP A 177 26.64 -5.81 -26.15
CA TRP A 177 26.47 -6.24 -24.76
C TRP A 177 25.77 -5.18 -23.89
N TYR A 178 26.08 -3.90 -24.13
CA TYR A 178 25.65 -2.84 -23.21
C TYR A 178 24.16 -2.55 -23.33
N TYR A 179 23.55 -2.94 -24.45
CA TYR A 179 22.13 -2.77 -24.71
C TYR A 179 21.38 -4.11 -24.69
N SER A 180 21.99 -5.15 -24.14
CA SER A 180 21.43 -6.50 -24.10
CA SER A 180 21.43 -6.50 -24.09
C SER A 180 21.08 -6.84 -22.66
N TYR A 181 19.82 -7.19 -22.41
CA TYR A 181 19.33 -7.48 -21.07
C TYR A 181 18.80 -8.90 -20.99
N THR A 182 18.86 -9.47 -19.79
CA THR A 182 18.19 -10.75 -19.57
C THR A 182 16.67 -10.60 -19.63
N SER A 183 16.15 -9.41 -19.39
CA SER A 183 14.71 -9.19 -19.48
C SER A 183 14.29 -8.81 -20.90
N PRO A 184 13.19 -9.38 -21.40
CA PRO A 184 12.60 -8.89 -22.66
C PRO A 184 12.17 -7.43 -22.53
N ASP A 185 12.12 -6.76 -23.68
CA ASP A 185 11.71 -5.35 -23.69
C ASP A 185 10.33 -5.17 -23.07
N GLU A 186 9.42 -6.13 -23.31
CA GLU A 186 8.07 -6.03 -22.74
C GLU A 186 8.10 -5.91 -21.22
N VAL A 187 9.07 -6.55 -20.56
CA VAL A 187 9.16 -6.47 -19.11
C VAL A 187 9.62 -5.08 -18.69
N ILE A 188 10.62 -4.53 -19.39
CA ILE A 188 11.12 -3.19 -19.10
C ILE A 188 10.03 -2.15 -19.29
N LEU A 189 9.20 -2.32 -20.33
CA LEU A 189 8.13 -1.39 -20.68
C LEU A 189 6.85 -1.55 -19.85
N CYS A 190 6.77 -2.57 -19.00
CA CYS A 190 5.55 -2.84 -18.22
C CYS A 190 5.31 -1.75 -17.18
N PRO A 191 4.17 -1.05 -17.22
CA PRO A 191 3.93 0.03 -16.24
C PRO A 191 3.62 -0.45 -14.81
N ASN A 192 3.32 -1.74 -14.61
CA ASN A 192 3.17 -2.30 -13.26
C ASN A 192 4.55 -2.76 -12.81
N ASN A 193 5.18 -1.98 -11.93
CA ASN A 193 6.56 -2.25 -11.57
C ASN A 193 6.70 -3.37 -10.55
N THR A 194 5.60 -3.77 -9.88
CA THR A 194 5.64 -4.97 -9.05
C THR A 194 5.76 -6.21 -9.91
N GLU A 195 4.98 -6.28 -10.99
CA GLU A 195 5.08 -7.36 -11.96
C GLU A 195 6.42 -7.34 -12.69
N SER A 196 6.88 -6.16 -13.13
CA SER A 196 8.11 -6.17 -13.92
C SER A 196 9.33 -6.50 -13.08
N LEU A 197 9.37 -6.06 -11.81
CA LEU A 197 10.49 -6.43 -10.95
C LEU A 197 10.54 -7.94 -10.72
N TYR A 198 9.40 -8.57 -10.44
CA TYR A 198 9.34 -10.02 -10.32
C TYR A 198 9.89 -10.68 -11.59
N CYS A 199 9.43 -10.20 -12.75
CA CYS A 199 9.85 -10.79 -14.02
C CYS A 199 11.33 -10.53 -14.30
N HIS A 200 11.85 -9.36 -13.90
CA HIS A 200 13.28 -9.10 -14.00
C HIS A 200 14.09 -10.18 -13.29
N LEU A 201 13.70 -10.49 -12.05
CA LEU A 201 14.39 -11.49 -11.25
C LEU A 201 14.25 -12.87 -11.86
N LEU A 202 13.04 -13.20 -12.32
CA LEU A 202 12.80 -14.51 -12.95
C LEU A 202 13.69 -14.71 -14.17
N CYS A 203 13.70 -13.73 -15.09
CA CYS A 203 14.51 -13.88 -16.31
C CYS A 203 16.00 -13.89 -15.98
N GLY A 204 16.42 -13.09 -15.00
CA GLY A 204 17.82 -13.07 -14.63
C GLY A 204 18.28 -14.38 -14.04
N LEU A 205 17.42 -15.04 -13.25
CA LEU A 205 17.77 -16.33 -12.66
C LEU A 205 17.84 -17.43 -13.72
N VAL A 206 16.90 -17.44 -14.65
CA VAL A 206 16.89 -18.44 -15.72
C VAL A 206 18.14 -18.34 -16.58
N GLN A 207 18.64 -17.12 -16.82
CA GLN A 207 19.83 -16.91 -17.65
C GLN A 207 21.04 -16.52 -16.81
N ARG A 208 21.18 -17.12 -15.62
CA ARG A 208 22.09 -16.59 -14.61
C ARG A 208 23.56 -16.64 -15.05
N ASP A 209 23.96 -17.62 -15.87
CA ASP A 209 25.36 -17.67 -16.28
C ASP A 209 25.73 -16.56 -17.26
N GLU A 210 24.74 -15.98 -17.94
CA GLU A 210 24.98 -14.92 -18.93
C GLU A 210 25.10 -13.53 -18.32
N VAL A 211 24.79 -13.38 -17.02
CA VAL A 211 24.79 -12.07 -16.38
C VAL A 211 26.23 -11.64 -16.10
N VAL A 212 26.64 -10.49 -16.65
CA VAL A 212 27.97 -9.94 -16.41
C VAL A 212 27.92 -8.58 -15.71
N ARG A 213 26.73 -8.00 -15.57
CA ARG A 213 26.52 -6.76 -14.84
C ARG A 213 25.08 -6.78 -14.36
N THR A 214 24.84 -6.05 -13.26
CA THR A 214 23.49 -5.87 -12.78
C THR A 214 23.44 -4.48 -12.17
N GLY A 215 22.24 -3.97 -11.97
CA GLY A 215 22.12 -2.64 -11.40
C GLY A 215 20.80 -1.99 -11.80
N SER A 216 20.78 -0.67 -11.64
CA SER A 216 19.59 0.18 -11.75
C SER A 216 20.08 1.61 -11.80
N ILE A 217 19.16 2.56 -12.02
CA ILE A 217 19.58 3.96 -12.09
C ILE A 217 20.15 4.39 -10.74
N PHE A 218 19.41 4.12 -9.66
CA PHE A 218 19.81 4.53 -8.33
C PHE A 218 19.94 3.33 -7.40
N ALA A 219 20.86 3.44 -6.44
CA ALA A 219 21.20 2.32 -5.56
C ALA A 219 20.00 1.86 -4.74
N SER A 220 19.09 2.77 -4.42
CA SER A 220 17.89 2.39 -3.68
C SER A 220 17.12 1.29 -4.39
N VAL A 221 17.01 1.36 -5.72
CA VAL A 221 16.25 0.38 -6.49
C VAL A 221 16.97 -0.97 -6.53
N MET A 222 18.30 -0.96 -6.61
CA MET A 222 19.07 -2.21 -6.53
C MET A 222 18.87 -2.91 -5.19
N VAL A 223 18.89 -2.15 -4.10
CA VAL A 223 18.64 -2.72 -2.78
C VAL A 223 17.25 -3.33 -2.71
N ARG A 224 16.24 -2.64 -3.26
CA ARG A 224 14.88 -3.15 -3.22
C ARG A 224 14.76 -4.44 -4.02
N ALA A 225 15.44 -4.53 -5.17
CA ALA A 225 15.42 -5.74 -5.97
C ALA A 225 15.96 -6.93 -5.18
N ILE A 226 17.02 -6.71 -4.41
CA ILE A 226 17.58 -7.81 -3.62
C ILE A 226 16.62 -8.20 -2.49
N GLU A 227 15.96 -7.22 -1.86
CA GLU A 227 15.00 -7.52 -0.80
C GLU A 227 13.78 -8.26 -1.36
N VAL A 228 13.31 -7.87 -2.54
CA VAL A 228 12.22 -8.62 -3.19
C VAL A 228 12.68 -10.05 -3.48
N LEU A 229 13.90 -10.21 -3.97
CA LEU A 229 14.45 -11.56 -4.19
C LEU A 229 14.43 -12.38 -2.90
N LYS A 230 14.87 -11.76 -1.80
CA LYS A 230 14.84 -12.44 -0.51
C LYS A 230 13.43 -12.88 -0.13
N ASN A 231 12.43 -12.09 -0.50
CA ASN A 231 11.04 -12.38 -0.16
C ASN A 231 10.30 -13.15 -1.24
N SER A 232 10.95 -13.50 -2.37
CA SER A 232 10.26 -14.12 -3.49
C SER A 232 10.95 -15.35 -4.07
N TRP A 233 12.09 -15.77 -3.54
CA TRP A 233 12.87 -16.77 -4.25
C TRP A 233 12.15 -18.12 -4.34
N GLU A 234 11.39 -18.51 -3.30
CA GLU A 234 10.64 -19.76 -3.36
C GLU A 234 9.63 -19.76 -4.52
N GLU A 235 8.93 -18.63 -4.70
CA GLU A 235 7.98 -18.53 -5.80
C GLU A 235 8.70 -18.49 -7.15
N LEU A 236 9.77 -17.70 -7.25
CA LEU A 236 10.54 -17.65 -8.49
C LEU A 236 11.00 -19.03 -8.91
N CYS A 237 11.53 -19.81 -7.95
CA CYS A 237 12.01 -21.15 -8.28
C CYS A 237 10.87 -22.09 -8.67
N SER A 238 9.66 -21.87 -8.14
CA SER A 238 8.53 -22.71 -8.55
C SER A 238 8.17 -22.45 -10.02
N ASN A 239 8.28 -21.20 -10.47
CA ASN A 239 8.08 -20.88 -11.89
C ASN A 239 9.16 -21.52 -12.76
N ILE A 240 10.41 -21.55 -12.27
CA ILE A 240 11.48 -22.18 -13.02
C ILE A 240 11.25 -23.69 -13.09
N ARG A 241 10.85 -24.30 -11.98
CA ARG A 241 10.58 -25.74 -11.92
C ARG A 241 9.46 -26.13 -12.87
N SER A 242 8.38 -25.36 -12.90
CA SER A 242 7.20 -25.71 -13.68
C SER A 242 7.30 -25.26 -15.14
N GLY A 243 8.12 -24.25 -15.43
CA GLY A 243 8.14 -23.63 -16.72
C GLY A 243 7.00 -22.68 -16.99
N HIS A 244 6.25 -22.28 -15.96
CA HIS A 244 5.11 -21.38 -16.12
C HIS A 244 5.25 -20.18 -15.20
N LEU A 245 5.01 -18.99 -15.74
CA LEU A 245 4.95 -17.77 -14.93
C LEU A 245 3.75 -17.82 -14.00
N SER A 246 3.89 -17.22 -12.82
CA SER A 246 2.78 -17.20 -11.87
C SER A 246 1.59 -16.46 -12.49
N ASN A 247 0.37 -16.91 -12.09
CA ASN A 247 -0.87 -16.40 -12.67
C ASN A 247 -1.10 -14.93 -12.34
N TRP A 248 -0.60 -14.45 -11.21
CA TRP A 248 -0.94 -13.09 -10.78
C TRP A 248 -0.36 -12.00 -11.70
N VAL A 249 0.69 -12.28 -12.48
CA VAL A 249 1.23 -11.28 -13.40
C VAL A 249 0.24 -11.10 -14.55
N THR A 250 -0.40 -9.93 -14.61
CA THR A 250 -1.49 -9.71 -15.56
C THR A 250 -1.03 -9.12 -16.90
N ASP A 251 0.15 -8.49 -16.95
CA ASP A 251 0.58 -7.85 -18.18
C ASP A 251 0.76 -8.87 -19.30
N LEU A 252 0.03 -8.69 -20.40
CA LEU A 252 0.11 -9.62 -21.52
C LEU A 252 1.54 -9.69 -22.07
N GLY A 253 2.19 -8.55 -22.24
CA GLY A 253 3.54 -8.55 -22.78
C GLY A 253 4.50 -9.38 -21.93
N CYS A 254 4.39 -9.25 -20.61
CA CYS A 254 5.20 -10.09 -19.71
C CYS A 254 4.84 -11.56 -19.88
N GLN A 255 3.54 -11.89 -19.84
CA GLN A 255 3.12 -13.28 -19.98
C GLN A 255 3.72 -13.92 -21.23
N ASN A 256 3.58 -13.24 -22.36
CA ASN A 256 4.03 -13.82 -23.64
C ASN A 256 5.56 -13.91 -23.70
N SER A 257 6.27 -12.84 -23.31
CA SER A 257 7.73 -12.84 -23.50
C SER A 257 8.44 -13.69 -22.44
N VAL A 258 7.97 -13.68 -21.19
CA VAL A 258 8.62 -14.47 -20.15
C VAL A 258 8.39 -15.96 -20.35
N SER A 259 7.21 -16.35 -20.87
CA SER A 259 7.00 -17.77 -21.19
C SER A 259 8.05 -18.29 -22.16
N LEU A 260 8.47 -17.47 -23.13
CA LEU A 260 9.52 -17.90 -24.05
C LEU A 260 10.87 -18.05 -23.34
N VAL A 261 11.18 -17.14 -22.41
CA VAL A 261 12.44 -17.26 -21.66
C VAL A 261 12.45 -18.54 -20.83
N LEU A 262 11.33 -18.84 -20.14
CA LEU A 262 11.25 -20.08 -19.37
C LEU A 262 11.39 -21.30 -20.27
N GLY A 263 10.65 -21.33 -21.38
CA GLY A 263 10.75 -22.41 -22.37
C GLY A 263 10.08 -23.71 -22.02
N GLY A 264 10.32 -24.21 -20.81
CA GLY A 264 9.74 -25.43 -20.31
C GLY A 264 10.26 -25.69 -18.91
N PRO A 265 9.89 -26.84 -18.32
CA PRO A 265 10.29 -27.12 -16.93
C PRO A 265 11.80 -27.18 -16.77
N ARG A 266 12.29 -26.54 -15.71
CA ARG A 266 13.71 -26.56 -15.35
C ARG A 266 13.89 -26.98 -13.89
N PRO A 267 13.51 -28.21 -13.55
CA PRO A 267 13.62 -28.63 -12.14
C PRO A 267 15.06 -28.71 -11.65
N GLU A 268 16.02 -29.05 -12.50
CA GLU A 268 17.41 -29.10 -12.05
C GLU A 268 17.93 -27.70 -11.73
N LEU A 269 17.64 -26.72 -12.59
CA LEU A 269 18.02 -25.35 -12.31
C LEU A 269 17.36 -24.85 -11.03
N ALA A 270 16.06 -25.10 -10.88
CA ALA A 270 15.34 -24.74 -9.66
C ALA A 270 16.05 -25.29 -8.43
N ASP A 271 16.40 -26.57 -8.45
CA ASP A 271 17.14 -27.20 -7.35
C ASP A 271 18.45 -26.46 -7.07
N THR A 272 19.18 -26.10 -8.12
CA THR A 272 20.45 -25.40 -7.95
C THR A 272 20.25 -24.06 -7.26
N ILE A 273 19.22 -23.31 -7.65
CA ILE A 273 19.01 -21.99 -7.07
C ILE A 273 18.48 -22.11 -5.64
N GLU A 274 17.56 -23.06 -5.40
CA GLU A 274 17.05 -23.27 -4.06
C GLU A 274 18.17 -23.58 -3.08
N GLU A 275 19.17 -24.34 -3.53
CA GLU A 275 20.30 -24.68 -2.66
C GLU A 275 21.13 -23.45 -2.29
N ILE A 276 21.28 -22.49 -3.22
CA ILE A 276 22.01 -21.27 -2.89
C ILE A 276 21.19 -20.39 -1.94
N CYS A 277 19.89 -20.23 -2.22
CA CYS A 277 19.06 -19.31 -1.45
C CYS A 277 18.79 -19.81 -0.04
N ASN A 278 18.88 -21.12 0.17
CA ASN A 278 18.52 -21.75 1.43
C ASN A 278 19.52 -21.48 2.56
N GLN A 279 20.63 -20.78 2.31
CA GLN A 279 21.53 -20.42 3.39
C GLN A 279 20.94 -19.30 4.22
N ASN A 280 21.15 -19.36 5.55
CA ASN A 280 20.62 -18.31 6.41
C ASN A 280 21.26 -16.96 6.11
N SER A 281 22.56 -16.94 5.78
CA SER A 281 23.26 -15.70 5.50
C SER A 281 23.07 -15.31 4.04
N TRP A 282 22.57 -14.09 3.81
CA TRP A 282 22.48 -13.54 2.46
C TRP A 282 23.75 -12.81 2.03
N LYS A 283 24.81 -12.88 2.83
CA LYS A 283 26.05 -12.21 2.48
C LYS A 283 26.58 -12.73 1.16
N GLY A 284 26.90 -11.82 0.23
CA GLY A 284 27.43 -12.20 -1.07
C GLY A 284 26.45 -12.91 -1.98
N ILE A 285 25.15 -12.85 -1.71
CA ILE A 285 24.17 -13.60 -2.48
C ILE A 285 24.25 -13.24 -3.98
N VAL A 286 24.47 -11.96 -4.31
CA VAL A 286 24.46 -11.58 -5.72
C VAL A 286 25.53 -12.34 -6.49
N LYS A 287 26.72 -12.48 -5.88
CA LYS A 287 27.84 -13.17 -6.52
C LYS A 287 27.61 -14.67 -6.62
N ARG A 288 26.87 -15.25 -5.66
CA ARG A 288 26.60 -16.70 -5.69
C ARG A 288 25.55 -17.06 -6.74
N LEU A 289 24.52 -16.23 -6.92
CA LEU A 289 23.52 -16.50 -7.94
C LEU A 289 23.99 -16.14 -9.33
N TRP A 290 24.79 -15.07 -9.46
CA TRP A 290 25.27 -14.57 -10.74
C TRP A 290 26.79 -14.50 -10.67
N PRO A 291 27.46 -15.66 -10.76
CA PRO A 291 28.90 -15.70 -10.50
C PRO A 291 29.74 -15.03 -11.57
N ASN A 292 29.19 -14.72 -12.75
CA ASN A 292 29.96 -14.03 -13.79
C ASN A 292 29.77 -12.53 -13.75
N THR A 293 29.10 -12.01 -12.71
CA THR A 293 28.92 -10.57 -12.58
C THR A 293 30.27 -9.90 -12.38
N LYS A 294 30.54 -8.86 -13.18
CA LYS A 294 31.81 -8.15 -13.04
C LYS A 294 31.68 -6.87 -12.22
N TYR A 295 30.50 -6.28 -12.16
CA TYR A 295 30.31 -5.03 -11.44
C TYR A 295 28.83 -4.76 -11.27
N ILE A 296 28.51 -3.86 -10.34
CA ILE A 296 27.16 -3.38 -10.08
C ILE A 296 27.09 -1.95 -10.60
N GLU A 297 26.17 -1.69 -11.53
CA GLU A 297 26.06 -0.38 -12.19
C GLU A 297 24.90 0.39 -11.57
N THR A 298 25.21 1.38 -10.74
CA THR A 298 24.18 2.13 -10.05
C THR A 298 24.77 3.37 -9.39
N VAL A 299 23.96 4.43 -9.32
CA VAL A 299 24.40 5.68 -8.69
C VAL A 299 24.52 5.49 -7.19
N VAL A 300 25.70 5.81 -6.63
CA VAL A 300 25.90 5.67 -5.20
C VAL A 300 26.38 6.98 -4.56
N THR A 301 26.25 8.09 -5.29
CA THR A 301 26.60 9.40 -4.78
C THR A 301 25.36 10.13 -4.27
N GLY A 302 25.58 11.21 -3.52
CA GLY A 302 24.46 11.94 -2.95
C GLY A 302 23.76 11.15 -1.86
N SER A 303 22.43 11.26 -1.82
CA SER A 303 21.69 10.53 -0.80
C SER A 303 21.76 9.02 -0.99
N MET A 304 22.22 8.55 -2.15
CA MET A 304 22.34 7.12 -2.40
C MET A 304 23.52 6.47 -1.70
N GLY A 305 24.45 7.25 -1.13
CA GLY A 305 25.55 6.68 -0.40
C GLY A 305 25.14 5.90 0.83
N GLN A 306 23.94 6.13 1.36
CA GLN A 306 23.48 5.39 2.52
C GLN A 306 23.32 3.89 2.23
N TYR A 307 23.18 3.51 0.97
CA TYR A 307 22.97 2.12 0.56
C TYR A 307 24.25 1.36 0.27
N VAL A 308 25.41 2.04 0.28
CA VAL A 308 26.66 1.36 -0.07
C VAL A 308 26.98 0.21 0.88
N PRO A 309 26.84 0.36 2.21
CA PRO A 309 27.13 -0.79 3.08
C PRO A 309 26.24 -1.99 2.80
N MET A 310 24.94 -1.79 2.60
CA MET A 310 24.05 -2.89 2.24
C MET A 310 24.50 -3.55 0.93
N LEU A 311 24.80 -2.73 -0.08
CA LEU A 311 25.20 -3.30 -1.38
C LEU A 311 26.50 -4.09 -1.24
N ASN A 312 27.48 -3.57 -0.50
CA ASN A 312 28.72 -4.31 -0.32
C ASN A 312 28.49 -5.65 0.37
N TYR A 313 27.54 -5.70 1.30
CA TYR A 313 27.22 -6.95 1.99
C TYR A 313 26.63 -7.99 1.02
N TYR A 314 25.67 -7.56 0.19
CA TYR A 314 25.02 -8.50 -0.73
C TYR A 314 25.88 -8.85 -1.94
N CYS A 315 26.80 -7.98 -2.34
CA CYS A 315 27.52 -8.15 -3.60
C CYS A 315 28.98 -8.54 -3.40
N ASN A 316 29.35 -8.93 -2.18
CA ASN A 316 30.71 -9.34 -1.82
C ASN A 316 31.77 -8.43 -2.44
N ASP A 317 31.56 -7.13 -2.26
CA ASP A 317 32.52 -6.10 -2.67
C ASP A 317 32.88 -6.20 -4.16
N LEU A 318 31.97 -6.70 -4.99
CA LEU A 318 32.05 -6.41 -6.41
C LEU A 318 32.08 -4.90 -6.56
N PRO A 319 32.76 -4.36 -7.57
CA PRO A 319 32.82 -2.88 -7.69
C PRO A 319 31.44 -2.29 -7.88
N LEU A 320 31.18 -1.18 -7.19
CA LEU A 320 29.99 -0.37 -7.44
C LEU A 320 30.37 0.79 -8.36
N VAL A 321 29.75 0.83 -9.54
CA VAL A 321 30.15 1.74 -10.61
C VAL A 321 29.04 2.77 -10.81
N SER A 322 29.32 4.01 -10.41
CA SER A 322 28.41 5.14 -10.47
C SER A 322 28.79 6.00 -11.70
N THR A 323 28.00 5.91 -12.80
CA THR A 323 28.49 6.43 -14.09
C THR A 323 28.06 7.86 -14.40
N THR A 324 26.83 8.27 -14.09
CA THR A 324 26.25 9.45 -14.70
C THR A 324 25.57 10.35 -13.68
N TYR A 325 25.71 11.66 -13.92
CA TYR A 325 25.01 12.71 -13.19
C TYR A 325 24.15 13.46 -14.20
N GLY A 326 22.83 13.48 -13.97
CA GLY A 326 21.91 14.12 -14.89
C GLY A 326 20.68 14.64 -14.16
N SER A 327 19.83 15.34 -14.91
CA SER A 327 18.62 15.95 -14.38
C SER A 327 17.61 16.12 -15.50
N SER A 328 16.39 16.51 -15.14
CA SER A 328 15.38 16.80 -16.16
CA SER A 328 15.38 16.79 -16.15
C SER A 328 15.78 17.97 -17.04
N GLU A 329 16.69 18.85 -16.57
CA GLU A 329 17.14 19.97 -17.41
C GLU A 329 18.14 19.52 -18.46
N THR A 330 19.07 18.64 -18.09
CA THR A 330 20.11 18.16 -19.00
C THR A 330 20.86 17.04 -18.31
N THR A 331 21.45 16.15 -19.11
CA THR A 331 22.51 15.29 -18.59
C THR A 331 23.77 16.14 -18.37
N PHE A 332 24.46 15.92 -17.25
CA PHE A 332 25.64 16.76 -16.99
C PHE A 332 26.92 16.10 -17.51
N GLY A 333 27.22 14.89 -17.05
CA GLY A 333 28.45 14.23 -17.47
C GLY A 333 28.64 12.91 -16.76
N ILE A 334 29.86 12.37 -16.86
CA ILE A 334 30.10 10.98 -16.47
C ILE A 334 31.37 10.84 -15.65
N ASN A 335 31.45 9.71 -14.95
CA ASN A 335 32.56 9.37 -14.08
C ASN A 335 33.65 8.70 -14.92
N LEU A 336 34.78 9.36 -15.07
CA LEU A 336 35.86 8.82 -15.88
C LEU A 336 36.80 7.92 -15.09
N ASP A 337 36.51 7.68 -13.82
CA ASP A 337 37.28 6.76 -12.98
C ASP A 337 36.27 5.80 -12.36
N PRO A 338 35.66 4.94 -13.19
CA PRO A 338 34.52 4.14 -12.70
C PRO A 338 34.86 3.18 -11.57
N LEU A 339 36.10 2.73 -11.44
CA LEU A 339 36.42 1.74 -10.44
C LEU A 339 36.85 2.35 -9.10
N CYS A 340 36.55 3.63 -8.86
CA CYS A 340 36.91 4.26 -7.59
C CYS A 340 35.91 3.88 -6.49
N LYS A 341 36.29 4.20 -5.25
CA LYS A 341 35.37 4.05 -4.13
C LYS A 341 34.18 5.00 -4.30
N PRO A 342 33.01 4.64 -3.77
CA PRO A 342 31.85 5.54 -3.87
C PRO A 342 32.14 6.94 -3.33
N GLU A 343 32.81 7.05 -2.18
CA GLU A 343 33.05 8.36 -1.59
C GLU A 343 33.97 9.23 -2.44
N ASP A 344 34.68 8.64 -3.40
CA ASP A 344 35.62 9.37 -4.23
C ASP A 344 35.10 9.69 -5.63
N VAL A 345 33.81 9.49 -5.90
CA VAL A 345 33.30 9.66 -7.25
C VAL A 345 33.18 11.14 -7.60
N SER A 346 33.74 11.53 -8.74
CA SER A 346 33.48 12.82 -9.35
C SER A 346 32.98 12.63 -10.78
N TYR A 347 32.21 13.62 -11.25
CA TYR A 347 31.60 13.59 -12.57
C TYR A 347 32.24 14.68 -13.44
N THR A 348 32.72 14.27 -14.61
CA THR A 348 33.30 15.19 -15.58
C THR A 348 32.18 15.66 -16.49
N PHE A 349 31.85 16.95 -16.42
CA PHE A 349 30.80 17.48 -17.28
C PHE A 349 31.22 17.35 -18.74
N MET A 350 30.26 17.00 -19.59
CA MET A 350 30.56 16.84 -21.00
C MET A 350 30.12 18.09 -21.73
N PRO A 351 31.03 18.75 -22.45
CA PRO A 351 30.78 20.11 -22.93
C PRO A 351 29.82 20.22 -24.09
N ASN A 352 29.38 19.10 -24.65
CA ASN A 352 28.42 19.08 -25.76
C ASN A 352 26.97 18.89 -25.31
N MET A 353 26.71 18.77 -23.99
CA MET A 353 25.38 18.48 -23.46
C MET A 353 24.50 19.72 -23.44
N SER A 354 24.99 20.78 -22.81
CA SER A 354 24.31 22.05 -22.66
C SER A 354 25.39 23.09 -22.41
N TYR A 355 25.02 24.36 -22.52
CA TYR A 355 25.97 25.41 -22.15
C TYR A 355 25.87 25.62 -20.65
N PHE A 356 26.98 25.42 -19.93
CA PHE A 356 27.00 25.41 -18.47
C PHE A 356 27.62 26.67 -17.91
N GLU A 357 26.94 27.27 -16.94
CA GLU A 357 27.49 28.35 -16.12
C GLU A 357 27.35 27.94 -14.65
N PHE A 358 28.03 28.68 -13.77
CA PHE A 358 28.15 28.28 -12.37
C PHE A 358 28.14 29.49 -11.45
N ILE A 359 27.28 29.47 -10.44
CA ILE A 359 27.18 30.52 -9.43
C ILE A 359 27.99 30.12 -8.21
N PRO A 360 29.00 30.89 -7.81
CA PRO A 360 29.79 30.52 -6.61
C PRO A 360 28.93 30.42 -5.36
N MET A 361 29.14 29.34 -4.59
CA MET A 361 28.43 29.13 -3.34
C MET A 361 29.33 29.24 -2.12
N ASP A 362 30.56 29.75 -2.26
CA ASP A 362 31.42 30.05 -1.13
C ASP A 362 32.36 31.20 -1.50
N GLY A 363 33.14 31.65 -0.51
CA GLY A 363 34.03 32.79 -0.69
C GLY A 363 35.29 32.52 -1.50
N GLY A 364 35.48 31.31 -2.03
CA GLY A 364 36.67 31.02 -2.81
C GLY A 364 36.65 31.55 -4.22
N ASP A 365 35.47 31.94 -4.70
CA ASP A 365 35.28 32.53 -6.02
C ASP A 365 34.31 33.70 -5.87
N LYS A 366 34.77 34.92 -6.15
CA LYS A 366 33.99 36.12 -5.90
C LYS A 366 33.26 36.66 -7.13
N ASN A 367 33.30 35.95 -8.25
CA ASN A 367 32.58 36.37 -9.45
C ASN A 367 31.08 36.14 -9.26
N ASP A 368 30.27 36.79 -10.11
CA ASP A 368 28.82 36.58 -10.02
C ASP A 368 28.41 35.28 -10.69
N VAL A 369 29.00 34.96 -11.85
CA VAL A 369 28.72 33.72 -12.55
C VAL A 369 29.93 33.43 -13.43
N VAL A 370 30.28 32.13 -13.57
CA VAL A 370 31.49 31.77 -14.32
C VAL A 370 31.21 30.63 -15.29
N ASP A 371 31.99 30.59 -16.37
CA ASP A 371 31.91 29.56 -17.39
C ASP A 371 32.52 28.26 -16.89
N LEU A 372 32.15 27.16 -17.55
CA LEU A 372 32.64 25.84 -17.17
C LEU A 372 34.16 25.80 -17.06
N GLU A 373 34.88 26.37 -18.04
CA GLU A 373 36.34 26.27 -18.06
C GLU A 373 37.00 27.14 -17.00
N ASP A 374 36.25 28.03 -16.32
CA ASP A 374 36.82 28.93 -15.33
C ASP A 374 36.54 28.54 -13.88
N VAL A 375 35.83 27.42 -13.62
CA VAL A 375 35.51 27.07 -12.23
C VAL A 375 36.79 26.80 -11.46
N LYS A 376 36.83 27.25 -10.19
CA LYS A 376 38.03 27.18 -9.38
C LYS A 376 38.11 25.91 -8.55
N LEU A 377 39.32 25.34 -8.49
CA LEU A 377 39.61 24.15 -7.71
C LEU A 377 39.20 24.31 -6.25
N GLY A 378 38.49 23.32 -5.71
CA GLY A 378 38.09 23.36 -4.32
C GLY A 378 36.94 24.29 -3.97
N CYS A 379 36.26 24.87 -4.95
CA CYS A 379 35.17 25.79 -4.70
C CYS A 379 33.84 25.10 -5.04
N THR A 380 32.76 25.52 -4.35
CA THR A 380 31.43 25.00 -4.63
C THR A 380 30.63 25.96 -5.49
N TYR A 381 29.67 25.41 -6.24
CA TYR A 381 28.89 26.17 -7.21
C TYR A 381 27.50 25.56 -7.38
N GLU A 382 26.55 26.39 -7.81
CA GLU A 382 25.28 25.91 -8.34
C GLU A 382 25.33 25.91 -9.86
N PRO A 383 25.12 24.79 -10.54
CA PRO A 383 25.12 24.83 -12.02
C PRO A 383 23.96 25.65 -12.56
N VAL A 384 24.19 26.23 -13.75
CA VAL A 384 23.22 27.04 -14.49
C VAL A 384 23.22 26.52 -15.92
N VAL A 385 22.04 26.27 -16.49
CA VAL A 385 21.89 25.44 -17.69
C VAL A 385 21.14 26.22 -18.78
N THR A 386 21.69 26.18 -19.99
CA THR A 386 21.03 26.66 -21.21
C THR A 386 20.98 25.44 -22.14
N ASN A 387 19.77 24.98 -22.46
CA ASN A 387 19.65 23.68 -23.12
C ASN A 387 18.98 23.82 -24.48
N PHE A 388 18.76 22.67 -25.13
CA PHE A 388 18.20 22.60 -26.47
C PHE A 388 16.66 22.54 -26.49
N ALA A 389 15.99 22.90 -25.36
CA ALA A 389 14.53 22.80 -25.31
C ALA A 389 13.87 24.01 -24.63
N GLY A 390 14.45 25.21 -24.74
CA GLY A 390 13.79 26.40 -24.28
C GLY A 390 14.18 26.92 -22.90
N LEU A 391 15.15 26.31 -22.22
CA LEU A 391 15.64 26.80 -20.94
C LEU A 391 16.89 27.63 -21.17
N TYR A 392 16.89 28.87 -20.69
CA TYR A 392 18.02 29.78 -20.86
C TYR A 392 18.48 30.24 -19.48
N ARG A 393 19.73 29.91 -19.14
CA ARG A 393 20.36 30.29 -17.88
C ARG A 393 19.49 29.94 -16.67
N MET A 394 19.02 28.70 -16.61
CA MET A 394 18.22 28.27 -15.48
C MET A 394 19.06 27.60 -14.38
N ARG A 395 18.90 28.10 -13.16
CA ARG A 395 19.53 27.50 -11.99
C ARG A 395 18.97 26.11 -11.71
N VAL A 396 19.87 25.18 -11.41
CA VAL A 396 19.52 23.77 -11.24
C VAL A 396 19.13 23.41 -9.80
N GLY A 397 19.68 24.12 -8.80
CA GLY A 397 19.37 23.82 -7.41
C GLY A 397 20.28 22.79 -6.75
N ASP A 398 21.27 22.27 -7.47
CA ASP A 398 22.29 21.39 -6.90
C ASP A 398 23.52 22.18 -6.49
N ILE A 399 24.28 21.62 -5.55
CA ILE A 399 25.58 22.16 -5.17
C ILE A 399 26.64 21.14 -5.52
N VAL A 400 27.68 21.58 -6.25
CA VAL A 400 28.78 20.74 -6.72
C VAL A 400 30.11 21.32 -6.25
N LEU A 401 31.13 20.45 -6.13
CA LEU A 401 32.46 20.84 -5.64
C LEU A 401 33.52 20.46 -6.68
N VAL A 402 34.37 21.41 -7.04
CA VAL A 402 35.40 21.15 -8.05
C VAL A 402 36.54 20.38 -7.40
N THR A 403 36.71 19.11 -7.78
CA THR A 403 37.72 18.25 -7.20
C THR A 403 38.97 18.11 -8.06
N GLY A 404 38.91 18.48 -9.33
CA GLY A 404 40.04 18.32 -10.22
C GLY A 404 39.63 18.56 -11.66
N PHE A 405 40.55 18.22 -12.57
CA PHE A 405 40.34 18.43 -13.99
C PHE A 405 40.94 17.24 -14.75
N TYR A 406 40.17 16.73 -15.72
CA TYR A 406 40.61 15.68 -16.63
C TYR A 406 40.93 16.39 -17.95
N ASN A 407 42.22 16.47 -18.29
CA ASN A 407 42.69 17.38 -19.33
C ASN A 407 42.15 18.77 -18.99
N ASN A 408 41.32 19.38 -19.83
CA ASN A 408 40.74 20.69 -19.50
C ASN A 408 39.28 20.60 -19.02
N ALA A 409 38.81 19.42 -18.65
CA ALA A 409 37.41 19.27 -18.27
C ALA A 409 37.28 19.20 -16.75
N PRO A 410 36.65 20.19 -16.11
CA PRO A 410 36.49 20.14 -14.65
C PRO A 410 35.73 18.89 -14.21
N GLN A 411 36.11 18.37 -13.05
CA GLN A 411 35.43 17.24 -12.42
C GLN A 411 34.76 17.72 -11.13
N PHE A 412 33.54 17.24 -10.89
CA PHE A 412 32.67 17.76 -9.84
C PHE A 412 32.20 16.63 -8.92
N LYS A 413 32.32 16.83 -7.62
CA LYS A 413 31.67 15.97 -6.64
C LYS A 413 30.27 16.53 -6.40
N PHE A 414 29.26 15.65 -6.42
CA PHE A 414 27.92 16.11 -6.05
C PHE A 414 27.87 16.32 -4.55
N VAL A 415 27.50 17.53 -4.12
CA VAL A 415 27.50 17.79 -2.68
C VAL A 415 26.10 17.55 -2.13
N ARG A 416 25.12 18.33 -2.59
CA ARG A 416 23.75 18.16 -2.11
C ARG A 416 22.81 18.91 -3.04
N ARG A 417 21.53 18.62 -2.89
CA ARG A 417 20.48 19.42 -3.53
C ARG A 417 19.97 20.41 -2.48
N GLU A 418 19.99 21.69 -2.84
CA GLU A 418 19.64 22.76 -1.90
C GLU A 418 18.29 22.51 -1.24
N ASN A 419 18.24 22.73 0.07
CA ASN A 419 17.05 22.75 0.91
C ASN A 419 16.41 21.38 1.07
N VAL A 420 16.95 20.33 0.46
CA VAL A 420 16.43 18.98 0.66
C VAL A 420 16.89 18.47 2.02
N VAL A 421 15.94 17.99 2.82
CA VAL A 421 16.25 17.54 4.18
C VAL A 421 16.04 16.04 4.36
N LEU A 422 15.18 15.41 3.57
CA LEU A 422 14.87 13.99 3.74
C LEU A 422 14.78 13.34 2.37
N SER A 423 15.45 12.19 2.22
CA SER A 423 15.47 11.49 0.93
C SER A 423 15.74 10.02 1.17
N ILE A 424 14.86 9.16 0.67
CA ILE A 424 14.99 7.71 0.78
C ILE A 424 15.14 7.06 -0.59
N ASP A 425 14.21 7.36 -1.50
CA ASP A 425 14.18 6.77 -2.84
C ASP A 425 14.25 7.94 -3.81
N SER A 426 13.28 8.08 -4.72
CA SER A 426 13.25 9.25 -5.59
C SER A 426 12.73 10.50 -4.89
N ASP A 427 12.04 10.33 -3.76
CA ASP A 427 11.54 11.47 -3.00
C ASP A 427 12.66 12.41 -2.59
N LYS A 428 12.35 13.72 -2.59
CA LYS A 428 13.28 14.76 -2.15
C LYS A 428 12.47 15.78 -1.34
N THR A 429 12.18 15.44 -0.09
CA THR A 429 11.41 16.30 0.80
C THR A 429 12.32 17.43 1.30
N ASN A 430 11.91 18.68 1.08
CA ASN A 430 12.72 19.82 1.48
C ASN A 430 12.13 20.47 2.74
N GLU A 431 12.82 21.52 3.20
CA GLU A 431 12.51 22.12 4.49
C GLU A 431 11.10 22.70 4.52
N GLU A 432 10.68 23.33 3.42
CA GLU A 432 9.32 23.87 3.36
C GLU A 432 8.27 22.78 3.56
N ASP A 433 8.46 21.62 2.92
CA ASP A 433 7.48 20.55 3.02
C ASP A 433 7.42 19.98 4.43
N LEU A 434 8.59 19.71 5.03
CA LEU A 434 8.61 19.23 6.40
C LEU A 434 7.97 20.26 7.35
N PHE A 435 8.06 21.54 6.99
CA PHE A 435 7.47 22.59 7.80
C PHE A 435 5.94 22.52 7.76
N LYS A 436 5.35 22.53 6.56
CA LYS A 436 3.90 22.39 6.44
C LYS A 436 3.41 21.16 7.17
N ALA A 437 4.13 20.04 7.05
CA ALA A 437 3.70 18.79 7.70
C ALA A 437 3.70 18.93 9.21
N VAL A 438 4.81 19.38 9.80
CA VAL A 438 4.86 19.56 11.25
C VAL A 438 3.82 20.56 11.72
N SER A 439 3.60 21.61 10.94
CA SER A 439 2.55 22.59 11.24
C SER A 439 1.25 22.19 10.54
N GLN A 440 0.82 20.97 10.83
CA GLN A 440 -0.44 20.41 10.33
C GLN A 440 -0.72 19.07 11.03
N THR A 456 13.02 17.81 14.97
CA THR A 456 13.93 17.53 13.85
C THR A 456 13.58 16.20 13.19
N SER A 457 14.26 15.88 12.08
CA SER A 457 13.94 14.71 11.28
C SER A 457 15.20 13.91 10.95
N TYR A 458 14.99 12.65 10.56
CA TYR A 458 16.07 11.73 10.24
C TYR A 458 15.54 10.69 9.26
N ALA A 459 16.37 10.32 8.29
CA ALA A 459 16.00 9.36 7.24
C ALA A 459 16.56 8.00 7.60
N ASP A 460 15.67 7.08 8.00
CA ASP A 460 16.08 5.78 8.51
C ASP A 460 16.19 4.77 7.38
N THR A 461 17.35 4.11 7.31
CA THR A 461 17.56 3.01 6.37
C THR A 461 18.04 1.73 7.05
N SER A 462 18.23 1.73 8.37
CA SER A 462 18.68 0.53 9.07
C SER A 462 17.74 -0.65 8.84
N THR A 463 16.47 -0.36 8.57
CA THR A 463 15.50 -1.37 8.16
C THR A 463 15.05 -1.08 6.73
N PHE A 464 14.58 -2.12 6.06
CA PHE A 464 14.00 -1.95 4.74
C PHE A 464 12.51 -2.26 4.80
N PRO A 465 11.66 -1.40 4.21
CA PRO A 465 12.03 -0.16 3.53
C PRO A 465 12.48 0.94 4.48
N GLY A 466 13.21 1.93 3.97
CA GLY A 466 13.53 3.08 4.79
C GLY A 466 12.31 3.94 5.06
N HIS A 467 12.42 4.81 6.06
CA HIS A 467 11.29 5.66 6.41
C HIS A 467 11.77 6.92 7.12
N TYR A 468 10.93 7.95 7.08
CA TYR A 468 11.23 9.20 7.78
C TYR A 468 11.06 9.02 9.28
N VAL A 469 11.83 9.78 10.05
CA VAL A 469 11.75 9.78 11.50
C VAL A 469 11.68 11.23 11.97
N VAL A 470 10.57 11.62 12.59
CA VAL A 470 10.33 12.99 13.02
C VAL A 470 10.36 13.01 14.55
N TYR A 471 11.48 13.44 15.11
CA TYR A 471 11.64 13.51 16.56
C TYR A 471 10.79 14.62 17.15
N LEU A 472 10.21 14.38 18.32
CA LEU A 472 9.38 15.37 19.00
C LEU A 472 9.54 15.29 20.51
N LEU A 494 -1.33 10.54 18.53
CA LEU A 494 -0.03 10.68 17.90
C LEU A 494 0.10 9.76 16.69
N SER A 495 -0.75 8.73 16.63
CA SER A 495 -0.87 7.95 15.41
C SER A 495 -1.43 8.80 14.28
N THR A 496 -2.41 9.65 14.60
CA THR A 496 -2.96 10.58 13.62
C THR A 496 -1.93 11.63 13.20
N CYS A 497 -1.06 12.06 14.13
CA CYS A 497 -0.02 13.01 13.76
C CYS A 497 0.88 12.47 12.66
N CYS A 498 1.20 11.17 12.71
CA CYS A 498 2.02 10.58 11.66
C CYS A 498 1.32 10.62 10.30
N LEU A 499 0.01 10.37 10.28
CA LEU A 499 -0.74 10.34 9.04
C LEU A 499 -0.79 11.72 8.38
N VAL A 500 -1.14 12.75 9.15
CA VAL A 500 -1.33 14.08 8.55
C VAL A 500 0.01 14.63 8.07
N MET A 501 1.12 14.26 8.70
CA MET A 501 2.42 14.67 8.20
C MET A 501 2.68 14.05 6.82
N GLU A 502 2.40 12.75 6.67
CA GLU A 502 2.59 12.10 5.38
C GLU A 502 1.68 12.69 4.31
N GLU A 503 0.43 12.99 4.67
CA GLU A 503 -0.53 13.50 3.70
C GLU A 503 -0.12 14.85 3.12
N SER A 504 0.72 15.61 3.83
CA SER A 504 1.15 16.91 3.31
C SER A 504 2.42 16.83 2.45
N LEU A 505 3.07 15.68 2.36
CA LEU A 505 4.25 15.53 1.53
C LEU A 505 3.84 15.45 0.05
N ASP A 506 4.83 15.39 -0.85
CA ASP A 506 4.55 15.51 -2.27
C ASP A 506 4.20 14.16 -2.90
N ASN A 507 3.90 14.19 -4.21
CA ASN A 507 3.45 13.00 -4.93
C ASN A 507 4.54 11.97 -5.11
N VAL A 508 5.79 12.41 -5.25
CA VAL A 508 6.90 11.46 -5.39
C VAL A 508 7.01 10.59 -4.14
N TYR A 509 6.96 11.22 -2.97
CA TYR A 509 6.93 10.47 -1.72
C TYR A 509 5.77 9.48 -1.70
N LYS A 510 4.57 9.95 -2.04
CA LYS A 510 3.38 9.12 -1.93
C LYS A 510 3.38 7.97 -2.94
N ARG A 511 4.00 8.18 -4.11
CA ARG A 511 4.12 7.07 -5.06
C ARG A 511 5.16 6.07 -4.58
N CYS A 512 6.23 6.54 -3.94
CA CYS A 512 7.24 5.63 -3.41
C CYS A 512 6.72 4.88 -2.19
N ARG A 513 5.94 5.54 -1.34
CA ARG A 513 5.51 4.96 -0.07
C ARG A 513 4.36 3.98 -0.24
N PHE A 514 3.32 4.37 -1.00
CA PHE A 514 2.09 3.60 -1.06
C PHE A 514 1.98 2.69 -2.26
N LYS A 515 2.73 2.93 -3.33
CA LYS A 515 2.64 2.14 -4.55
C LYS A 515 3.84 1.22 -4.73
N ASP A 516 5.05 1.78 -4.85
CA ASP A 516 6.25 0.97 -5.00
C ASP A 516 6.67 0.29 -3.70
N GLY A 517 6.24 0.81 -2.56
CA GLY A 517 6.68 0.27 -1.29
C GLY A 517 8.17 0.41 -1.04
N SER A 518 8.78 1.48 -1.54
CA SER A 518 10.18 1.76 -1.28
C SER A 518 10.41 2.58 -0.03
N ILE A 519 9.35 3.13 0.56
CA ILE A 519 9.40 3.86 1.81
C ILE A 519 8.34 3.29 2.73
N GLY A 520 8.68 3.11 4.00
CA GLY A 520 7.75 2.61 4.99
C GLY A 520 6.96 3.71 5.64
N PRO A 521 6.10 3.35 6.59
CA PRO A 521 5.26 4.36 7.25
C PRO A 521 6.09 5.33 8.09
N LEU A 522 5.78 6.61 7.98
CA LEU A 522 6.49 7.63 8.75
C LEU A 522 6.33 7.38 10.24
N GLU A 523 7.41 7.62 10.99
CA GLU A 523 7.49 7.32 12.41
C GLU A 523 7.84 8.56 13.20
N ILE A 524 7.02 8.86 14.22
CA ILE A 524 7.25 9.97 15.14
C ILE A 524 7.80 9.40 16.44
N ARG A 525 9.05 9.74 16.77
CA ARG A 525 9.69 9.27 17.99
C ARG A 525 9.77 10.39 19.03
N ALA A 570 8.55 7.34 23.49
CA ALA A 570 7.40 6.81 22.77
C ALA A 570 7.65 6.84 21.26
N LYS A 571 7.18 5.79 20.57
CA LYS A 571 7.30 5.68 19.12
C LYS A 571 5.94 5.36 18.53
N PHE A 572 5.60 6.04 17.42
CA PHE A 572 4.32 5.82 16.76
C PHE A 572 4.54 5.78 15.26
N PHE A 573 3.59 5.19 14.54
CA PHE A 573 3.70 4.96 13.12
C PHE A 573 2.43 5.36 12.40
N SER A 574 2.59 5.76 11.14
CA SER A 574 1.48 6.13 10.26
C SER A 574 0.76 4.88 9.77
N ILE A 575 -0.52 5.05 9.43
CA ILE A 575 -1.32 3.99 8.79
C ILE A 575 -2.81 4.33 8.80
N ASN B 8 -29.31 -32.97 22.38
CA ASN B 8 -29.98 -31.82 21.80
C ASN B 8 -31.12 -31.35 22.67
N GLU B 9 -31.48 -32.17 23.67
CA GLU B 9 -32.57 -31.81 24.57
C GLU B 9 -32.27 -30.50 25.29
N THR B 10 -31.05 -30.35 25.79
CA THR B 10 -30.70 -29.12 26.50
C THR B 10 -30.83 -27.91 25.58
N PHE B 11 -30.33 -28.02 24.34
CA PHE B 11 -30.37 -26.89 23.42
C PHE B 11 -31.79 -26.56 22.99
N GLU B 12 -32.61 -27.58 22.70
CA GLU B 12 -33.96 -27.33 22.21
C GLU B 12 -34.78 -26.56 23.24
N LYS B 13 -34.67 -26.95 24.52
CA LYS B 13 -35.38 -26.25 25.58
C LYS B 13 -34.78 -24.87 25.82
N GLN B 14 -33.46 -24.75 25.71
CA GLN B 14 -32.81 -23.44 25.84
C GLN B 14 -33.36 -22.45 24.83
N LEU B 15 -33.42 -22.85 23.55
CA LEU B 15 -33.86 -21.92 22.49
C LEU B 15 -35.34 -21.60 22.64
N LYS B 16 -36.16 -22.61 22.96
CA LYS B 16 -37.58 -22.37 23.17
C LYS B 16 -37.80 -21.36 24.28
N ASP B 17 -37.06 -21.51 25.40
CA ASP B 17 -37.21 -20.61 26.53
C ASP B 17 -36.72 -19.19 26.20
N LEU B 18 -35.57 -19.07 25.55
CA LEU B 18 -35.07 -17.75 25.14
C LEU B 18 -36.06 -17.04 24.22
N THR B 19 -36.63 -17.75 23.25
CA THR B 19 -37.51 -17.07 22.30
C THR B 19 -38.96 -16.99 22.77
N SER B 20 -39.36 -17.76 23.78
CA SER B 20 -40.73 -17.66 24.27
C SER B 20 -40.90 -16.64 25.39
N ASN B 21 -39.93 -16.53 26.30
CA ASN B 21 -40.06 -15.69 27.49
C ASN B 21 -39.39 -14.33 27.33
N VAL B 22 -39.48 -13.75 26.14
CA VAL B 22 -38.74 -12.54 25.77
C VAL B 22 -39.01 -11.40 26.74
N LYS B 23 -40.30 -11.11 26.99
CA LYS B 23 -40.67 -9.98 27.83
C LYS B 23 -40.09 -10.12 29.24
N SER B 24 -40.28 -11.28 29.85
CA SER B 24 -39.78 -11.52 31.21
C SER B 24 -38.25 -11.49 31.27
N ILE B 25 -37.58 -12.06 30.26
CA ILE B 25 -36.11 -12.06 30.22
C ILE B 25 -35.59 -10.63 30.08
N GLN B 26 -36.19 -9.84 29.19
CA GLN B 26 -35.78 -8.44 29.04
C GLN B 26 -36.00 -7.65 30.34
N ASP B 27 -37.19 -7.76 30.95
CA ASP B 27 -37.46 -7.02 32.18
C ASP B 27 -36.49 -7.43 33.30
N ASN B 28 -36.23 -8.73 33.42
CA ASN B 28 -35.25 -9.20 34.40
C ASN B 28 -33.82 -8.73 34.07
N LEU B 29 -33.48 -8.65 32.78
CA LEU B 29 -32.14 -8.20 32.41
C LEU B 29 -31.95 -6.73 32.76
N LEU B 30 -32.97 -5.91 32.53
CA LEU B 30 -32.87 -4.49 32.89
C LEU B 30 -32.64 -4.31 34.38
N GLU B 31 -33.35 -5.08 35.23
CA GLU B 31 -33.12 -5.01 36.66
C GLU B 31 -31.71 -5.47 37.00
N GLU B 32 -31.24 -6.54 36.37
CA GLU B 32 -29.90 -7.04 36.64
C GLU B 32 -28.84 -5.99 36.28
N ILE B 33 -29.07 -5.24 35.20
CA ILE B 33 -28.14 -4.18 34.81
C ILE B 33 -28.22 -2.98 35.75
N ILE B 34 -29.44 -2.52 36.05
CA ILE B 34 -29.61 -1.24 36.75
C ILE B 34 -29.20 -1.35 38.22
N THR B 35 -29.64 -2.41 38.92
CA THR B 35 -29.50 -2.48 40.38
C THR B 35 -28.09 -2.17 40.90
N PRO B 36 -27.01 -2.80 40.41
CA PRO B 36 -25.68 -2.47 40.94
C PRO B 36 -25.17 -1.09 40.51
N ASN B 37 -25.83 -0.45 39.55
CA ASN B 37 -25.37 0.81 38.95
C ASN B 37 -26.08 2.04 39.49
N THR B 38 -26.99 1.90 40.44
CA THR B 38 -27.77 3.04 40.92
C THR B 38 -26.92 4.08 41.64
N LYS B 39 -25.70 3.75 42.07
CA LYS B 39 -24.83 4.75 42.68
C LYS B 39 -23.74 5.28 41.74
N THR B 40 -23.75 4.90 40.45
CA THR B 40 -22.85 5.51 39.49
C THR B 40 -23.21 6.98 39.28
N GLU B 41 -22.20 7.81 38.96
CA GLU B 41 -22.45 9.22 38.71
C GLU B 41 -23.52 9.39 37.63
N TYR B 42 -23.51 8.55 36.62
CA TYR B 42 -24.45 8.70 35.50
C TYR B 42 -25.89 8.42 35.93
N LEU B 43 -26.15 7.28 36.60
CA LEU B 43 -27.54 7.02 36.99
C LEU B 43 -28.00 7.95 38.10
N GLN B 44 -27.10 8.35 39.01
CA GLN B 44 -27.48 9.34 40.03
C GLN B 44 -27.93 10.65 39.40
N ARG B 45 -27.30 11.04 38.30
CA ARG B 45 -27.69 12.27 37.61
C ARG B 45 -29.16 12.23 37.18
N PHE B 46 -29.63 11.06 36.73
CA PHE B 46 -30.98 10.94 36.24
C PHE B 46 -31.96 10.42 37.29
N LEU B 47 -31.54 10.47 38.57
CA LEU B 47 -32.40 10.19 39.74
C LEU B 47 -32.84 8.73 39.80
N ILE B 48 -32.03 7.82 39.26
CA ILE B 48 -32.32 6.38 39.26
C ILE B 48 -31.66 5.76 40.50
N ASP B 49 -32.28 5.93 41.67
CA ASP B 49 -31.74 5.43 42.92
CA ASP B 49 -31.76 5.44 42.94
C ASP B 49 -32.14 4.00 43.21
N ARG B 50 -32.88 3.38 42.31
CA ARG B 50 -33.67 2.18 42.58
CA ARG B 50 -33.67 2.18 42.58
C ARG B 50 -34.09 1.62 41.23
N PHE B 51 -34.17 0.30 41.12
CA PHE B 51 -34.69 -0.24 39.86
C PHE B 51 -36.18 0.04 39.76
N ASP B 52 -36.57 0.79 38.74
CA ASP B 52 -37.96 1.17 38.51
C ASP B 52 -38.07 1.39 37.00
N LYS B 53 -38.72 0.46 36.31
CA LYS B 53 -38.73 0.50 34.84
C LYS B 53 -39.40 1.77 34.33
N GLU B 54 -40.53 2.14 34.93
CA GLU B 54 -41.21 3.38 34.55
C GLU B 54 -40.29 4.58 34.72
N LEU B 55 -39.59 4.68 35.86
CA LEU B 55 -38.70 5.80 36.11
C LEU B 55 -37.54 5.85 35.11
N PHE B 56 -36.94 4.69 34.82
CA PHE B 56 -35.89 4.56 33.80
C PHE B 56 -36.36 5.12 32.45
N LYS B 57 -37.51 4.65 31.95
CA LYS B 57 -38.01 5.10 30.65
C LYS B 57 -38.35 6.59 30.67
N LYS B 58 -38.80 7.12 31.81
CA LYS B 58 -39.18 8.52 31.93
C LYS B 58 -37.98 9.46 32.03
N ASN B 59 -36.93 9.07 32.77
CA ASN B 59 -35.91 10.03 33.16
C ASN B 59 -34.51 9.79 32.58
N VAL B 60 -34.22 8.62 32.04
CA VAL B 60 -32.94 8.37 31.41
C VAL B 60 -33.07 8.74 29.94
N PRO B 61 -32.26 9.67 29.43
CA PRO B 61 -32.45 10.13 28.05
C PRO B 61 -31.93 9.12 27.05
N ILE B 62 -32.59 9.06 25.90
CA ILE B 62 -32.05 8.33 24.76
C ILE B 62 -30.91 9.14 24.17
N VAL B 63 -29.73 8.51 24.02
CA VAL B 63 -28.51 9.27 23.70
C VAL B 63 -27.85 8.76 22.42
N SER B 64 -27.13 9.68 21.78
CA SER B 64 -26.15 9.39 20.75
C SER B 64 -24.76 9.25 21.38
N TYR B 65 -23.84 8.66 20.62
CA TYR B 65 -22.46 8.55 21.08
C TYR B 65 -21.92 9.91 21.50
N GLU B 66 -22.15 10.93 20.67
CA GLU B 66 -21.66 12.27 20.96
C GLU B 66 -22.22 12.82 22.28
N ASP B 67 -23.46 12.48 22.63
CA ASP B 67 -24.05 12.97 23.88
C ASP B 67 -23.27 12.49 25.10
N ILE B 68 -22.77 11.26 25.09
CA ILE B 68 -22.13 10.70 26.27
C ILE B 68 -20.62 10.64 26.15
N LYS B 69 -20.04 11.16 25.06
CA LYS B 69 -18.59 11.15 24.88
C LYS B 69 -17.84 11.82 26.03
N PRO B 70 -18.33 12.91 26.63
CA PRO B 70 -17.68 13.44 27.84
C PRO B 70 -17.46 12.41 28.95
N TYR B 71 -18.42 11.51 29.18
CA TYR B 71 -18.24 10.46 30.18
C TYR B 71 -17.21 9.44 29.72
N LEU B 72 -17.34 8.96 28.48
CA LEU B 72 -16.40 7.99 27.93
C LEU B 72 -14.97 8.52 27.91
N ASP B 73 -14.80 9.79 27.51
CA ASP B 73 -13.47 10.40 27.51
C ASP B 73 -12.81 10.30 28.88
N ARG B 74 -13.58 10.52 29.95
CA ARG B 74 -13.03 10.44 31.30
C ARG B 74 -12.53 9.04 31.61
N VAL B 75 -13.27 8.01 31.20
CA VAL B 75 -12.84 6.64 31.44
C VAL B 75 -11.65 6.26 30.57
N VAL B 76 -11.68 6.66 29.29
CA VAL B 76 -10.53 6.45 28.40
C VAL B 76 -9.26 7.04 29.01
N ASN B 77 -9.40 8.18 29.68
CA ASN B 77 -8.26 8.92 30.20
C ASN B 77 -7.82 8.46 31.59
N GLY B 78 -8.53 7.52 32.20
CA GLY B 78 -8.08 6.92 33.44
C GLY B 78 -8.99 7.11 34.66
N GLU B 79 -10.08 7.87 34.56
CA GLU B 79 -10.97 8.02 35.71
C GLU B 79 -11.70 6.70 36.00
N SER B 80 -12.04 6.50 37.29
CA SER B 80 -12.70 5.27 37.69
C SER B 80 -13.94 5.00 36.85
N SER B 81 -14.10 3.75 36.42
CA SER B 81 -15.21 3.40 35.57
C SER B 81 -16.55 3.51 36.29
N ASP B 82 -16.57 3.68 37.61
CA ASP B 82 -17.84 3.82 38.32
C ASP B 82 -18.56 5.13 38.00
N VAL B 83 -17.98 6.01 37.18
CA VAL B 83 -18.77 7.12 36.66
C VAL B 83 -19.93 6.59 35.82
N ILE B 84 -19.76 5.44 35.18
CA ILE B 84 -20.84 4.89 34.35
C ILE B 84 -21.14 3.42 34.64
N SER B 85 -20.26 2.64 35.25
CA SER B 85 -20.51 1.20 35.39
C SER B 85 -19.84 0.66 36.64
N ALA B 86 -20.61 -0.06 37.47
CA ALA B 86 -20.09 -0.77 38.65
C ALA B 86 -19.40 -2.07 38.27
N ARG B 87 -19.59 -2.54 37.04
CA ARG B 87 -18.79 -3.62 36.47
CA ARG B 87 -18.79 -3.62 36.47
C ARG B 87 -17.58 -2.99 35.80
N THR B 88 -16.41 -3.17 36.41
CA THR B 88 -15.20 -2.44 36.00
C THR B 88 -14.94 -2.56 34.50
N ILE B 89 -14.69 -1.40 33.88
CA ILE B 89 -14.30 -1.34 32.48
C ILE B 89 -12.81 -1.68 32.37
N THR B 90 -12.50 -2.77 31.66
CA THR B 90 -11.13 -3.26 31.56
C THR B 90 -10.54 -3.08 30.17
N GLY B 91 -11.26 -2.40 29.28
CA GLY B 91 -10.78 -2.16 27.92
C GLY B 91 -11.85 -1.43 27.12
N PHE B 92 -11.53 -1.20 25.84
CA PHE B 92 -12.45 -0.55 24.93
C PHE B 92 -12.51 -1.31 23.62
N LEU B 93 -13.59 -1.06 22.89
CA LEU B 93 -13.81 -1.63 21.57
C LEU B 93 -13.78 -0.49 20.56
N LEU B 94 -12.93 -0.66 19.54
CA LEU B 94 -12.84 0.25 18.42
C LEU B 94 -13.97 -0.04 17.44
N SER B 95 -14.85 0.93 17.23
CA SER B 95 -15.98 0.73 16.34
C SER B 95 -15.58 1.14 14.93
N SER B 96 -15.97 0.33 13.95
CA SER B 96 -15.78 0.72 12.55
C SER B 96 -16.51 2.01 12.23
N GLY B 97 -17.58 2.30 12.96
CA GLY B 97 -18.23 3.59 12.84
C GLY B 97 -17.36 4.70 13.40
N THR B 98 -17.43 5.86 12.77
CA THR B 98 -16.57 6.97 13.12
C THR B 98 -17.39 8.17 13.59
N SER B 99 -16.78 8.97 14.47
CA SER B 99 -17.39 10.20 15.00
C SER B 99 -16.39 11.33 14.77
N GLY B 100 -16.51 12.01 13.64
CA GLY B 100 -15.64 13.12 13.32
C GLY B 100 -14.23 12.68 12.96
N GLY B 101 -14.10 11.75 12.03
CA GLY B 101 -12.82 11.21 11.59
C GLY B 101 -12.23 10.10 12.45
N ALA B 102 -12.34 10.22 13.77
CA ALA B 102 -11.80 9.24 14.70
C ALA B 102 -12.77 8.08 14.89
N GLN B 103 -12.22 6.92 15.19
CA GLN B 103 -13.05 5.78 15.53
C GLN B 103 -13.70 5.99 16.90
N LYS B 104 -14.94 5.55 17.01
CA LYS B 104 -15.61 5.59 18.30
C LYS B 104 -15.06 4.49 19.20
N MET B 105 -14.87 4.80 20.47
CA MET B 105 -14.40 3.85 21.45
C MET B 105 -15.51 3.56 22.45
N MET B 106 -15.96 2.32 22.47
CA MET B 106 -16.99 1.84 23.34
C MET B 106 -16.38 1.16 24.56
N PRO B 107 -16.98 1.38 25.74
CA PRO B 107 -16.50 0.70 26.94
C PRO B 107 -16.76 -0.80 26.87
N TRP B 108 -15.92 -1.56 27.58
CA TRP B 108 -15.88 -3.00 27.42
C TRP B 108 -15.42 -3.65 28.71
N ASN B 109 -15.94 -4.86 28.96
CA ASN B 109 -15.50 -5.73 30.05
C ASN B 109 -15.82 -7.15 29.64
N ASN B 110 -15.58 -8.12 30.56
CA ASN B 110 -15.71 -9.51 30.15
C ASN B 110 -17.16 -9.96 29.95
N LYS B 111 -18.14 -9.15 30.34
CA LYS B 111 -19.53 -9.52 30.01
C LYS B 111 -19.75 -9.54 28.50
N TYR B 112 -19.00 -8.72 27.75
CA TYR B 112 -19.08 -8.75 26.30
C TYR B 112 -18.68 -10.13 25.77
N LEU B 113 -17.61 -10.70 26.34
CA LEU B 113 -17.13 -12.01 25.90
C LEU B 113 -17.97 -13.16 26.47
N ASP B 114 -18.59 -12.96 27.63
CA ASP B 114 -19.59 -13.91 28.12
C ASP B 114 -20.75 -14.03 27.13
N ASN B 115 -21.28 -12.88 26.67
CA ASN B 115 -22.35 -12.89 25.68
C ASN B 115 -21.88 -13.45 24.33
N LEU B 116 -20.67 -13.08 23.90
CA LEU B 116 -20.19 -13.56 22.61
C LEU B 116 -20.02 -15.07 22.58
N THR B 117 -19.43 -15.65 23.64
CA THR B 117 -19.25 -17.11 23.64
C THR B 117 -20.57 -17.85 23.82
N PHE B 118 -21.54 -17.23 24.52
CA PHE B 118 -22.89 -17.79 24.58
C PHE B 118 -23.50 -17.89 23.19
N ILE B 119 -23.30 -16.84 22.38
CA ILE B 119 -23.79 -16.78 21.01
C ILE B 119 -23.05 -17.76 20.11
N TYR B 120 -21.74 -17.91 20.30
CA TYR B 120 -21.01 -18.91 19.52
C TYR B 120 -21.55 -20.32 19.78
N ASP B 121 -21.81 -20.64 21.06
CA ASP B 121 -22.32 -21.95 21.43
CA ASP B 121 -22.33 -21.95 21.42
C ASP B 121 -23.74 -22.15 20.88
N LEU B 122 -24.56 -21.10 20.90
CA LEU B 122 -25.93 -21.22 20.41
C LEU B 122 -25.97 -21.34 18.89
N ARG B 123 -25.20 -20.54 18.17
CA ARG B 123 -25.23 -20.64 16.71
C ARG B 123 -24.65 -21.97 16.23
N MET B 124 -23.64 -22.49 16.93
CA MET B 124 -23.11 -23.82 16.64
C MET B 124 -24.20 -24.89 16.69
N GLN B 125 -25.04 -24.85 17.72
CA GLN B 125 -26.14 -25.81 17.85
CA GLN B 125 -26.11 -25.84 17.81
C GLN B 125 -27.17 -25.60 16.75
N VAL B 126 -27.44 -24.34 16.41
CA VAL B 126 -28.33 -24.07 15.28
C VAL B 126 -27.78 -24.69 14.01
N ILE B 127 -26.49 -24.48 13.73
CA ILE B 127 -25.86 -25.03 12.52
C ILE B 127 -25.94 -26.56 12.51
N THR B 128 -25.50 -27.21 13.60
CA THR B 128 -25.46 -28.68 13.61
CA THR B 128 -25.46 -28.68 13.61
C THR B 128 -26.85 -29.29 13.54
N LYS B 129 -27.90 -28.57 13.97
CA LYS B 129 -29.26 -29.07 13.80
C LYS B 129 -29.61 -29.22 12.32
N HIS B 130 -29.12 -28.31 11.48
CA HIS B 130 -29.51 -28.29 10.07
C HIS B 130 -28.44 -28.83 9.11
N VAL B 131 -27.17 -28.89 9.53
CA VAL B 131 -26.05 -29.28 8.67
C VAL B 131 -25.36 -30.51 9.27
N LYS B 132 -25.34 -31.61 8.54
CA LYS B 132 -24.68 -32.85 8.94
C LYS B 132 -23.31 -33.00 8.27
N GLY B 133 -22.51 -33.90 8.83
CA GLY B 133 -21.21 -34.23 8.28
C GLY B 133 -20.08 -33.31 8.71
N VAL B 134 -20.20 -32.65 9.86
CA VAL B 134 -19.24 -31.65 10.28
C VAL B 134 -18.50 -32.01 11.56
N GLU B 135 -19.04 -32.90 12.39
CA GLU B 135 -18.54 -33.02 13.75
C GLU B 135 -17.19 -33.73 13.86
N GLU B 136 -16.69 -34.35 12.80
CA GLU B 136 -15.37 -34.97 12.83
C GLU B 136 -14.31 -34.18 12.07
N GLY B 137 -14.66 -33.03 11.50
CA GLY B 137 -13.75 -32.24 10.69
C GLY B 137 -13.28 -30.98 11.40
N LYS B 138 -12.65 -30.11 10.61
CA LYS B 138 -12.07 -28.85 11.08
C LYS B 138 -12.54 -27.73 10.17
N GLY B 139 -12.37 -26.50 10.62
CA GLY B 139 -12.72 -25.33 9.85
C GLY B 139 -11.47 -24.60 9.37
N MET B 140 -11.47 -24.25 8.08
CA MET B 140 -10.47 -23.33 7.55
C MET B 140 -11.05 -21.94 7.65
N MET B 141 -10.81 -21.29 8.78
CA MET B 141 -11.45 -20.04 9.12
C MET B 141 -10.41 -18.93 9.01
N PHE B 142 -10.71 -17.92 8.17
CA PHE B 142 -9.81 -16.80 7.94
C PHE B 142 -10.10 -15.77 9.02
N LEU B 143 -9.52 -16.03 10.19
CA LEU B 143 -9.69 -15.22 11.39
C LEU B 143 -8.44 -14.41 11.66
N PHE B 144 -8.61 -13.14 12.01
CA PHE B 144 -7.51 -12.20 12.10
C PHE B 144 -7.54 -11.43 13.41
N THR B 145 -6.34 -11.19 13.95
CA THR B 145 -6.14 -10.32 15.09
C THR B 145 -5.56 -9.00 14.61
N LYS B 146 -6.07 -7.89 15.12
CA LYS B 146 -5.48 -6.59 14.85
C LYS B 146 -4.85 -6.04 16.12
N GLN B 147 -3.68 -5.44 15.98
CA GLN B 147 -2.94 -4.93 17.14
C GLN B 147 -3.74 -3.85 17.87
N GLU B 148 -3.62 -3.84 19.20
CA GLU B 148 -4.37 -2.91 20.02
C GLU B 148 -3.90 -1.47 19.83
N SER B 149 -4.74 -0.55 20.27
CA SER B 149 -4.42 0.87 20.42
C SER B 149 -4.48 1.21 21.90
N MET B 150 -3.43 1.85 22.41
CA MET B 150 -3.32 2.13 23.83
C MET B 150 -4.00 3.45 24.17
N THR B 151 -4.70 3.50 25.30
CA THR B 151 -5.36 4.72 25.78
C THR B 151 -4.60 5.30 26.97
N PRO B 152 -4.79 6.60 27.27
CA PRO B 152 -4.06 7.19 28.41
C PRO B 152 -4.30 6.46 29.73
N SER B 153 -5.46 5.84 29.92
CA SER B 153 -5.74 5.07 31.12
C SER B 153 -4.87 3.82 31.25
N GLY B 154 -4.16 3.44 30.20
CA GLY B 154 -3.39 2.22 30.20
C GLY B 154 -4.13 0.98 29.73
N LEU B 155 -5.43 1.09 29.40
CA LEU B 155 -6.23 -0.04 28.94
C LEU B 155 -6.26 -0.08 27.42
N PRO B 156 -6.28 -1.27 26.81
CA PRO B 156 -6.20 -1.34 25.36
C PRO B 156 -7.55 -1.14 24.69
N ALA B 157 -7.50 -0.65 23.46
CA ALA B 157 -8.65 -0.57 22.59
C ALA B 157 -8.44 -1.52 21.43
N ARG B 158 -9.40 -2.42 21.20
CA ARG B 158 -9.31 -3.49 20.22
C ARG B 158 -10.62 -3.59 19.44
N VAL B 159 -10.54 -4.19 18.25
CA VAL B 159 -11.78 -4.54 17.55
C VAL B 159 -12.42 -5.75 18.24
N ALA B 160 -13.74 -5.87 18.12
CA ALA B 160 -14.51 -6.87 18.86
C ALA B 160 -13.85 -8.25 18.87
N THR B 161 -13.60 -8.82 17.69
CA THR B 161 -13.12 -10.21 17.68
C THR B 161 -11.68 -10.32 18.17
N SER B 162 -10.87 -9.26 18.04
CA SER B 162 -9.53 -9.29 18.63
C SER B 162 -9.59 -9.28 20.15
N SER B 163 -10.61 -8.64 20.75
CA SER B 163 -10.76 -8.69 22.20
C SER B 163 -11.04 -10.12 22.66
N TYR B 164 -11.62 -10.93 21.78
CA TYR B 164 -11.89 -12.34 22.05
C TYR B 164 -10.64 -13.19 21.84
N PHE B 165 -10.00 -13.08 20.65
CA PHE B 165 -8.79 -13.86 20.34
C PHE B 165 -7.69 -13.62 21.36
N LYS B 166 -7.52 -12.39 21.82
CA LYS B 166 -6.46 -12.06 22.78
C LYS B 166 -6.88 -12.30 24.23
N SER B 167 -7.77 -13.27 24.48
CA SER B 167 -8.20 -13.59 25.84
C SER B 167 -8.26 -15.10 26.01
N ASP B 168 -8.40 -15.52 27.29
CA ASP B 168 -8.59 -16.93 27.60
C ASP B 168 -9.92 -17.48 27.12
N TYR B 169 -10.92 -16.63 26.86
CA TYR B 169 -12.14 -17.14 26.23
C TYR B 169 -11.82 -17.85 24.92
N PHE B 170 -10.81 -17.37 24.18
CA PHE B 170 -10.38 -18.07 22.96
C PHE B 170 -9.31 -19.11 23.23
N LYS B 171 -8.28 -18.77 24.00
CA LYS B 171 -7.19 -19.71 24.28
C LYS B 171 -7.70 -20.99 24.91
N ASN B 172 -8.68 -20.89 25.81
CA ASN B 172 -9.19 -22.03 26.56
C ASN B 172 -10.58 -22.46 26.09
N ARG B 173 -10.88 -22.22 24.82
CA ARG B 173 -12.17 -22.52 24.23
C ARG B 173 -12.41 -24.03 24.21
N PRO B 174 -13.65 -24.46 23.95
CA PRO B 174 -13.96 -25.89 23.97
C PRO B 174 -13.24 -26.66 22.88
N SER B 175 -13.18 -27.98 23.08
CA SER B 175 -12.51 -28.92 22.17
C SER B 175 -13.59 -29.72 21.44
N ASN B 176 -14.15 -29.11 20.40
CA ASN B 176 -15.04 -29.80 19.48
C ASN B 176 -14.85 -29.19 18.10
N TRP B 177 -15.51 -29.78 17.10
CA TRP B 177 -15.29 -29.40 15.70
C TRP B 177 -15.44 -27.90 15.47
N TYR B 178 -16.37 -27.26 16.20
CA TYR B 178 -16.67 -25.86 15.91
C TYR B 178 -15.56 -24.92 16.36
N TYR B 179 -14.69 -25.37 17.26
CA TYR B 179 -13.57 -24.55 17.74
C TYR B 179 -12.22 -25.09 17.27
N SER B 180 -12.25 -25.99 16.28
CA SER B 180 -11.06 -26.64 15.75
CA SER B 180 -11.06 -26.65 15.75
C SER B 180 -10.76 -26.07 14.36
N TYR B 181 -9.55 -25.53 14.18
CA TYR B 181 -9.17 -24.89 12.92
C TYR B 181 -7.97 -25.62 12.32
N THR B 182 -7.86 -25.52 10.99
CA THR B 182 -6.68 -26.02 10.32
C THR B 182 -5.46 -25.15 10.63
N SER B 183 -5.68 -23.87 11.02
CA SER B 183 -4.54 -23.02 11.38
C SER B 183 -4.24 -23.10 12.88
N PRO B 184 -2.97 -23.17 13.25
CA PRO B 184 -2.58 -23.04 14.67
C PRO B 184 -2.97 -21.67 15.23
N ASP B 185 -3.19 -21.63 16.55
CA ASP B 185 -3.59 -20.38 17.20
C ASP B 185 -2.59 -19.25 16.95
N GLU B 186 -1.30 -19.59 16.80
CA GLU B 186 -0.29 -18.57 16.50
C GLU B 186 -0.62 -17.83 15.21
N VAL B 187 -1.17 -18.53 14.21
CA VAL B 187 -1.52 -17.89 12.95
C VAL B 187 -2.69 -16.93 13.15
N ILE B 188 -3.71 -17.38 13.88
CA ILE B 188 -4.86 -16.53 14.15
C ILE B 188 -4.44 -15.29 14.93
N LEU B 189 -3.51 -15.47 15.88
CA LEU B 189 -3.09 -14.37 16.75
C LEU B 189 -2.05 -13.44 16.12
N CYS B 190 -1.53 -13.77 14.93
CA CYS B 190 -0.46 -12.96 14.33
C CYS B 190 -0.97 -11.60 13.88
N PRO B 191 -0.38 -10.49 14.36
CA PRO B 191 -0.93 -9.17 14.01
C PRO B 191 -0.64 -8.72 12.58
N ASN B 192 0.29 -9.35 11.88
CA ASN B 192 0.52 -9.06 10.46
C ASN B 192 -0.42 -9.94 9.65
N ASN B 193 -1.49 -9.33 9.12
CA ASN B 193 -2.54 -10.11 8.46
C ASN B 193 -2.14 -10.59 7.07
N THR B 194 -1.12 -9.99 6.44
CA THR B 194 -0.65 -10.51 5.17
C THR B 194 0.04 -11.85 5.38
N GLU B 195 0.90 -11.93 6.40
CA GLU B 195 1.52 -13.20 6.76
C GLU B 195 0.48 -14.22 7.20
N SER B 196 -0.49 -13.79 8.02
CA SER B 196 -1.38 -14.80 8.60
C SER B 196 -2.39 -15.32 7.58
N LEU B 197 -2.86 -14.49 6.64
CA LEU B 197 -3.72 -15.02 5.56
C LEU B 197 -2.95 -16.03 4.70
N TYR B 198 -1.67 -15.75 4.40
CA TYR B 198 -0.86 -16.72 3.66
C TYR B 198 -0.76 -18.04 4.43
N CYS B 199 -0.48 -17.96 5.72
CA CYS B 199 -0.39 -19.18 6.52
C CYS B 199 -1.75 -19.88 6.67
N HIS B 200 -2.86 -19.14 6.73
CA HIS B 200 -4.18 -19.77 6.76
C HIS B 200 -4.37 -20.66 5.54
N LEU B 201 -4.10 -20.11 4.35
CA LEU B 201 -4.23 -20.89 3.12
C LEU B 201 -3.27 -22.09 3.12
N LEU B 202 -2.05 -21.89 3.58
CA LEU B 202 -1.08 -22.99 3.53
C LEU B 202 -1.51 -24.15 4.42
N CYS B 203 -1.92 -23.84 5.67
CA CYS B 203 -2.35 -24.91 6.56
C CYS B 203 -3.63 -25.58 6.09
N GLY B 204 -4.54 -24.79 5.49
CA GLY B 204 -5.77 -25.37 4.96
C GLY B 204 -5.53 -26.32 3.80
N LEU B 205 -4.56 -25.99 2.94
CA LEU B 205 -4.23 -26.88 1.82
C LEU B 205 -3.61 -28.18 2.31
N VAL B 206 -2.68 -28.09 3.26
CA VAL B 206 -2.00 -29.27 3.77
C VAL B 206 -3.02 -30.21 4.42
N GLN B 207 -4.04 -29.66 5.08
CA GLN B 207 -5.07 -30.46 5.74
C GLN B 207 -6.39 -30.46 4.97
N ARG B 208 -6.34 -30.36 3.63
CA ARG B 208 -7.54 -30.07 2.84
C ARG B 208 -8.65 -31.11 3.02
N ASP B 209 -8.31 -32.38 3.26
CA ASP B 209 -9.35 -33.41 3.41
C ASP B 209 -10.18 -33.21 4.68
N GLU B 210 -9.62 -32.56 5.70
CA GLU B 210 -10.29 -32.39 6.99
C GLU B 210 -11.26 -31.20 7.04
N VAL B 211 -11.26 -30.35 6.02
CA VAL B 211 -12.04 -29.12 6.02
C VAL B 211 -13.51 -29.47 5.75
N VAL B 212 -14.36 -29.19 6.73
CA VAL B 212 -15.81 -29.33 6.57
C VAL B 212 -16.51 -27.99 6.55
N ARG B 213 -15.81 -26.90 6.85
CA ARG B 213 -16.36 -25.57 6.71
C ARG B 213 -15.21 -24.60 6.47
N THR B 214 -15.54 -23.47 5.86
CA THR B 214 -14.60 -22.37 5.72
C THR B 214 -15.41 -21.08 5.81
N GLY B 215 -14.74 -19.98 6.09
CA GLY B 215 -15.42 -18.72 6.21
C GLY B 215 -14.58 -17.66 6.92
N SER B 216 -15.27 -16.61 7.33
CA SER B 216 -14.65 -15.41 7.92
C SER B 216 -15.81 -14.63 8.53
N ILE B 217 -15.50 -13.56 9.26
CA ILE B 217 -16.61 -12.77 9.82
C ILE B 217 -17.47 -12.22 8.70
N PHE B 218 -16.85 -11.49 7.77
CA PHE B 218 -17.56 -10.82 6.70
C PHE B 218 -17.16 -11.38 5.33
N ALA B 219 -18.12 -11.36 4.41
CA ALA B 219 -17.91 -11.94 3.08
C ALA B 219 -16.74 -11.27 2.34
N SER B 220 -16.49 -9.98 2.60
CA SER B 220 -15.39 -9.31 1.93
C SER B 220 -14.05 -9.99 2.21
N VAL B 221 -13.87 -10.51 3.43
CA VAL B 221 -12.61 -11.17 3.77
C VAL B 221 -12.54 -12.56 3.13
N MET B 222 -13.67 -13.25 3.00
CA MET B 222 -13.67 -14.53 2.30
C MET B 222 -13.28 -14.37 0.84
N VAL B 223 -13.85 -13.38 0.16
CA VAL B 223 -13.49 -13.12 -1.23
C VAL B 223 -12.00 -12.80 -1.35
N ARG B 224 -11.50 -11.96 -0.45
CA ARG B 224 -10.08 -11.62 -0.45
C ARG B 224 -9.22 -12.87 -0.25
N ALA B 225 -9.61 -13.78 0.64
CA ALA B 225 -8.85 -15.00 0.82
C ALA B 225 -8.76 -15.81 -0.47
N ILE B 226 -9.86 -15.86 -1.22
CA ILE B 226 -9.86 -16.58 -2.50
C ILE B 226 -9.00 -15.86 -3.54
N GLU B 227 -9.06 -14.53 -3.56
CA GLU B 227 -8.24 -13.77 -4.51
C GLU B 227 -6.75 -13.92 -4.18
N VAL B 228 -6.40 -13.96 -2.89
CA VAL B 228 -5.00 -14.17 -2.52
C VAL B 228 -4.56 -15.59 -2.89
N LEU B 229 -5.47 -16.56 -2.78
CA LEU B 229 -5.18 -17.92 -3.24
C LEU B 229 -4.85 -17.94 -4.73
N LYS B 230 -5.68 -17.29 -5.55
CA LYS B 230 -5.45 -17.24 -6.99
C LYS B 230 -4.08 -16.63 -7.31
N ASN B 231 -3.61 -15.68 -6.49
CA ASN B 231 -2.36 -14.96 -6.71
C ASN B 231 -1.17 -15.56 -5.95
N SER B 232 -1.36 -16.65 -5.22
CA SER B 232 -0.30 -17.21 -4.36
C SER B 232 -0.16 -18.72 -4.46
N TRP B 233 -0.97 -19.40 -5.27
CA TRP B 233 -1.01 -20.86 -5.18
C TRP B 233 0.31 -21.51 -5.58
N GLU B 234 1.01 -20.93 -6.58
CA GLU B 234 2.32 -21.47 -6.98
C GLU B 234 3.30 -21.43 -5.81
N GLU B 235 3.36 -20.30 -5.09
CA GLU B 235 4.22 -20.19 -3.92
C GLU B 235 3.77 -21.14 -2.82
N LEU B 236 2.45 -21.20 -2.57
CA LEU B 236 1.95 -22.10 -1.54
C LEU B 236 2.36 -23.53 -1.83
N CYS B 237 2.23 -23.96 -3.07
CA CYS B 237 2.61 -25.32 -3.43
C CYS B 237 4.12 -25.56 -3.32
N SER B 238 4.95 -24.54 -3.53
CA SER B 238 6.39 -24.75 -3.37
CA SER B 238 6.39 -24.74 -3.37
C SER B 238 6.74 -24.99 -1.91
N ASN B 239 6.03 -24.35 -0.98
CA ASN B 239 6.21 -24.62 0.45
C ASN B 239 5.77 -26.04 0.81
N ILE B 240 4.65 -26.50 0.23
CA ILE B 240 4.19 -27.87 0.46
C ILE B 240 5.20 -28.87 -0.12
N ARG B 241 5.68 -28.60 -1.33
CA ARG B 241 6.66 -29.48 -1.97
C ARG B 241 7.94 -29.60 -1.15
N SER B 242 8.45 -28.47 -0.64
CA SER B 242 9.73 -28.46 0.06
C SER B 242 9.59 -28.78 1.55
N GLY B 243 8.42 -28.53 2.14
CA GLY B 243 8.26 -28.70 3.57
C GLY B 243 8.77 -27.53 4.38
N HIS B 244 9.00 -26.38 3.75
CA HIS B 244 9.50 -25.19 4.41
C HIS B 244 8.58 -24.00 4.11
N LEU B 245 8.30 -23.21 5.15
CA LEU B 245 7.57 -21.96 4.98
C LEU B 245 8.46 -20.93 4.28
N SER B 246 7.87 -20.08 3.43
CA SER B 246 8.68 -19.08 2.75
C SER B 246 9.36 -18.15 3.75
N ASN B 247 10.59 -17.72 3.43
CA ASN B 247 11.39 -16.92 4.35
C ASN B 247 10.71 -15.59 4.72
N TRP B 248 9.87 -15.03 3.84
CA TRP B 248 9.35 -13.70 4.08
C TRP B 248 8.40 -13.62 5.29
N VAL B 249 7.83 -14.75 5.74
CA VAL B 249 6.99 -14.74 6.93
C VAL B 249 7.87 -14.58 8.15
N THR B 250 7.77 -13.42 8.81
CA THR B 250 8.69 -13.07 9.88
C THR B 250 8.19 -13.44 11.27
N ASP B 251 6.87 -13.56 11.45
CA ASP B 251 6.34 -13.84 12.78
C ASP B 251 6.86 -15.19 13.28
N LEU B 252 7.58 -15.15 14.41
CA LEU B 252 8.16 -16.37 14.97
C LEU B 252 7.08 -17.42 15.27
N GLY B 253 5.93 -16.99 15.79
CA GLY B 253 4.86 -17.93 16.08
C GLY B 253 4.37 -18.69 14.86
N CYS B 254 4.20 -17.99 13.73
CA CYS B 254 3.83 -18.66 12.48
C CYS B 254 4.94 -19.61 12.04
N GLN B 255 6.20 -19.15 12.08
CA GLN B 255 7.31 -19.99 11.63
C GLN B 255 7.31 -21.33 12.38
N ASN B 256 7.22 -21.27 13.71
CA ASN B 256 7.31 -22.48 14.52
C ASN B 256 6.09 -23.38 14.31
N SER B 257 4.88 -22.82 14.42
CA SER B 257 3.68 -23.65 14.34
C SER B 257 3.45 -24.19 12.93
N VAL B 258 3.64 -23.37 11.89
CA VAL B 258 3.38 -23.82 10.52
C VAL B 258 4.39 -24.87 10.09
N SER B 259 5.63 -24.73 10.53
CA SER B 259 6.65 -25.73 10.24
C SER B 259 6.21 -27.12 10.72
N LEU B 260 5.52 -27.19 11.87
CA LEU B 260 5.07 -28.49 12.35
C LEU B 260 3.90 -29.02 11.51
N VAL B 261 3.02 -28.12 11.05
CA VAL B 261 1.93 -28.52 10.15
C VAL B 261 2.50 -29.12 8.87
N LEU B 262 3.48 -28.44 8.25
CA LEU B 262 4.12 -28.95 7.04
C LEU B 262 4.77 -30.30 7.29
N GLY B 263 5.56 -30.40 8.37
CA GLY B 263 6.16 -31.66 8.79
C GLY B 263 7.37 -32.13 8.00
N GLY B 264 7.31 -32.01 6.68
CA GLY B 264 8.34 -32.47 5.78
C GLY B 264 7.87 -32.32 4.35
N PRO B 265 8.73 -32.65 3.38
CA PRO B 265 8.36 -32.43 1.97
C PRO B 265 7.12 -33.25 1.59
N ARG B 266 6.23 -32.63 0.81
CA ARG B 266 5.02 -33.30 0.32
C ARG B 266 4.88 -33.09 -1.19
N PRO B 267 5.85 -33.56 -1.98
CA PRO B 267 5.78 -33.31 -3.44
C PRO B 267 4.52 -33.88 -4.07
N GLU B 268 4.02 -34.99 -3.55
CA GLU B 268 2.82 -35.59 -4.13
C GLU B 268 1.59 -34.71 -3.89
N LEU B 269 1.43 -34.18 -2.69
CA LEU B 269 0.33 -33.25 -2.44
C LEU B 269 0.47 -31.98 -3.27
N ALA B 270 1.71 -31.45 -3.39
CA ALA B 270 1.91 -30.27 -4.23
C ALA B 270 1.44 -30.53 -5.66
N ASP B 271 1.82 -31.69 -6.22
CA ASP B 271 1.37 -32.04 -7.56
C ASP B 271 -0.15 -32.06 -7.67
N THR B 272 -0.82 -32.63 -6.66
CA THR B 272 -2.27 -32.74 -6.69
C THR B 272 -2.92 -31.36 -6.70
N ILE B 273 -2.45 -30.48 -5.83
CA ILE B 273 -3.00 -29.12 -5.75
C ILE B 273 -2.71 -28.35 -7.04
N GLU B 274 -1.48 -28.45 -7.55
CA GLU B 274 -1.12 -27.77 -8.80
C GLU B 274 -2.03 -28.19 -9.95
N GLU B 275 -2.30 -29.50 -10.09
CA GLU B 275 -3.21 -29.95 -11.15
C GLU B 275 -4.59 -29.31 -11.01
N ILE B 276 -5.08 -29.16 -9.78
CA ILE B 276 -6.39 -28.54 -9.56
C ILE B 276 -6.36 -27.06 -9.94
N CYS B 277 -5.34 -26.32 -9.48
CA CYS B 277 -5.29 -24.89 -9.75
C CYS B 277 -4.98 -24.57 -11.21
N ASN B 278 -4.40 -25.52 -11.97
CA ASN B 278 -4.04 -25.28 -13.37
C ASN B 278 -5.21 -25.42 -14.34
N GLN B 279 -6.40 -25.78 -13.87
CA GLN B 279 -7.55 -25.88 -14.78
C GLN B 279 -7.85 -24.51 -15.38
N ASN B 280 -8.62 -24.51 -16.47
CA ASN B 280 -8.80 -23.28 -17.23
C ASN B 280 -9.66 -22.25 -16.52
N SER B 281 -10.47 -22.65 -15.53
CA SER B 281 -11.39 -21.75 -14.86
C SER B 281 -11.26 -21.87 -13.35
N TRP B 282 -11.49 -20.76 -12.66
CA TRP B 282 -11.54 -20.76 -11.21
C TRP B 282 -12.93 -21.13 -10.67
N LYS B 283 -13.90 -21.38 -11.56
CA LYS B 283 -15.25 -21.72 -11.10
C LYS B 283 -15.21 -22.95 -10.20
N GLY B 284 -15.89 -22.84 -9.06
CA GLY B 284 -15.94 -23.93 -8.10
C GLY B 284 -14.63 -24.24 -7.40
N ILE B 285 -13.62 -23.36 -7.48
CA ILE B 285 -12.29 -23.67 -6.96
C ILE B 285 -12.35 -24.09 -5.49
N VAL B 286 -13.18 -23.43 -4.68
CA VAL B 286 -13.21 -23.74 -3.24
C VAL B 286 -13.67 -25.17 -3.01
N LYS B 287 -14.72 -25.61 -3.71
CA LYS B 287 -15.19 -26.97 -3.53
C LYS B 287 -14.21 -28.00 -4.10
N ARG B 288 -13.47 -27.63 -5.15
CA ARG B 288 -12.53 -28.58 -5.75
C ARG B 288 -11.30 -28.76 -4.87
N LEU B 289 -10.84 -27.71 -4.22
CA LEU B 289 -9.70 -27.83 -3.32
C LEU B 289 -10.08 -28.42 -1.98
N TRP B 290 -11.30 -28.15 -1.50
CA TRP B 290 -11.78 -28.60 -0.19
C TRP B 290 -13.09 -29.35 -0.41
N PRO B 291 -13.02 -30.59 -0.89
CA PRO B 291 -14.23 -31.30 -1.36
C PRO B 291 -15.20 -31.73 -0.27
N ASN B 292 -14.80 -31.72 1.00
CA ASN B 292 -15.68 -32.11 2.10
C ASN B 292 -16.34 -30.93 2.78
N THR B 293 -16.10 -29.72 2.27
CA THR B 293 -16.75 -28.53 2.80
C THR B 293 -18.27 -28.67 2.71
N LYS B 294 -18.96 -28.37 3.79
CA LYS B 294 -20.41 -28.45 3.83
C LYS B 294 -21.09 -27.11 3.64
N TYR B 295 -20.45 -26.02 4.04
CA TYR B 295 -21.02 -24.70 3.89
C TYR B 295 -19.93 -23.66 4.08
N ILE B 296 -20.25 -22.42 3.68
CA ILE B 296 -19.39 -21.25 3.88
C ILE B 296 -20.01 -20.42 4.99
N GLU B 297 -19.23 -20.11 6.02
CA GLU B 297 -19.76 -19.38 7.18
C GLU B 297 -19.26 -17.94 7.09
N THR B 298 -20.14 -17.02 6.71
CA THR B 298 -19.73 -15.63 6.59
C THR B 298 -20.96 -14.74 6.45
N VAL B 299 -20.86 -13.50 6.97
CA VAL B 299 -21.95 -12.55 6.88
C VAL B 299 -22.12 -12.08 5.44
N VAL B 300 -23.34 -12.22 4.90
CA VAL B 300 -23.65 -11.82 3.53
C VAL B 300 -24.82 -10.82 3.48
N THR B 301 -25.13 -10.18 4.59
CA THR B 301 -26.21 -9.20 4.67
C THR B 301 -25.63 -7.78 4.71
N GLY B 302 -26.50 -6.80 4.50
CA GLY B 302 -26.06 -5.41 4.41
C GLY B 302 -25.15 -5.20 3.21
N SER B 303 -24.12 -4.37 3.41
CA SER B 303 -23.18 -4.10 2.32
C SER B 303 -22.48 -5.36 1.85
N MET B 304 -22.41 -6.41 2.68
CA MET B 304 -21.75 -7.64 2.26
C MET B 304 -22.55 -8.42 1.22
N GLY B 305 -23.80 -8.02 0.95
CA GLY B 305 -24.57 -8.66 -0.11
C GLY B 305 -23.96 -8.55 -1.49
N GLN B 306 -23.12 -7.53 -1.73
CA GLN B 306 -22.52 -7.38 -3.05
C GLN B 306 -21.59 -8.54 -3.41
N TYR B 307 -21.10 -9.29 -2.42
CA TYR B 307 -20.13 -10.36 -2.66
C TYR B 307 -20.75 -11.72 -2.94
N VAL B 308 -22.08 -11.83 -2.87
CA VAL B 308 -22.73 -13.13 -3.02
C VAL B 308 -22.52 -13.75 -4.40
N PRO B 309 -22.68 -13.02 -5.52
CA PRO B 309 -22.43 -13.66 -6.83
C PRO B 309 -21.02 -14.23 -6.97
N MET B 310 -19.99 -13.53 -6.49
CA MET B 310 -18.62 -14.04 -6.58
C MET B 310 -18.41 -15.26 -5.69
N LEU B 311 -18.97 -15.25 -4.49
CA LEU B 311 -18.85 -16.44 -3.63
C LEU B 311 -19.52 -17.66 -4.27
N ASN B 312 -20.74 -17.47 -4.81
CA ASN B 312 -21.43 -18.58 -5.47
C ASN B 312 -20.60 -19.12 -6.63
N TYR B 313 -19.96 -18.23 -7.39
CA TYR B 313 -19.12 -18.67 -8.50
C TYR B 313 -17.96 -19.52 -7.99
N TYR B 314 -17.26 -19.04 -6.94
CA TYR B 314 -16.11 -19.77 -6.42
C TYR B 314 -16.48 -20.98 -5.57
N CYS B 315 -17.70 -21.06 -5.05
CA CYS B 315 -18.04 -22.11 -4.10
C CYS B 315 -19.08 -23.09 -4.61
N ASN B 316 -19.52 -22.97 -5.86
CA ASN B 316 -20.37 -23.97 -6.49
C ASN B 316 -21.69 -24.14 -5.73
N ASP B 317 -22.29 -23.02 -5.33
CA ASP B 317 -23.57 -23.03 -4.61
C ASP B 317 -23.55 -23.94 -3.37
N LEU B 318 -22.39 -24.09 -2.74
CA LEU B 318 -22.40 -24.45 -1.32
C LEU B 318 -23.20 -23.40 -0.57
N PRO B 319 -23.95 -23.78 0.47
CA PRO B 319 -24.75 -22.79 1.19
C PRO B 319 -23.85 -21.73 1.82
N LEU B 320 -24.28 -20.47 1.70
CA LEU B 320 -23.63 -19.36 2.39
C LEU B 320 -24.42 -19.07 3.67
N VAL B 321 -23.79 -19.26 4.82
CA VAL B 321 -24.50 -19.22 6.10
C VAL B 321 -24.08 -17.97 6.87
N SER B 322 -25.03 -17.05 7.00
CA SER B 322 -24.88 -15.76 7.70
C SER B 322 -25.52 -15.89 9.09
N THR B 323 -24.69 -16.01 10.15
CA THR B 323 -25.21 -16.42 11.44
C THR B 323 -25.56 -15.26 12.39
N THR B 324 -24.76 -14.19 12.43
CA THR B 324 -24.75 -13.29 13.58
C THR B 324 -24.76 -11.82 13.19
N TYR B 325 -25.55 -11.05 13.95
CA TYR B 325 -25.61 -9.60 13.87
C TYR B 325 -25.12 -9.06 15.20
N GLY B 326 -24.05 -8.25 15.16
CA GLY B 326 -23.45 -7.71 16.36
C GLY B 326 -22.81 -6.37 16.08
N SER B 327 -22.45 -5.68 17.17
CA SER B 327 -21.77 -4.39 17.08
C SER B 327 -20.86 -4.23 18.29
N SER B 328 -20.15 -3.10 18.33
CA SER B 328 -19.31 -2.77 19.47
CA SER B 328 -19.31 -2.79 19.48
C SER B 328 -20.14 -2.48 20.73
N GLU B 329 -21.41 -2.09 20.58
CA GLU B 329 -22.26 -1.88 21.74
C GLU B 329 -22.68 -3.22 22.39
N THR B 330 -22.97 -4.21 21.56
CA THR B 330 -23.52 -5.49 22.01
C THR B 330 -23.68 -6.44 20.84
N THR B 331 -23.64 -7.75 21.10
CA THR B 331 -24.19 -8.72 20.16
C THR B 331 -25.71 -8.61 20.17
N PHE B 332 -26.32 -8.65 18.98
CA PHE B 332 -27.77 -8.54 18.89
C PHE B 332 -28.45 -9.91 18.87
N GLY B 333 -28.06 -10.78 17.93
CA GLY B 333 -28.70 -12.08 17.82
C GLY B 333 -28.25 -12.84 16.59
N ILE B 334 -29.01 -13.90 16.27
CA ILE B 334 -28.57 -14.90 15.30
C ILE B 334 -29.68 -15.28 14.33
N ASN B 335 -29.24 -15.88 13.22
CA ASN B 335 -30.13 -16.33 12.15
C ASN B 335 -30.59 -17.75 12.47
N LEU B 336 -31.89 -17.92 12.72
CA LEU B 336 -32.41 -19.23 13.10
C LEU B 336 -32.83 -20.06 11.88
N ASP B 337 -32.60 -19.54 10.68
CA ASP B 337 -32.87 -20.23 9.42
C ASP B 337 -31.59 -20.18 8.60
N PRO B 338 -30.52 -20.84 9.07
CA PRO B 338 -29.19 -20.64 8.45
C PRO B 338 -29.10 -21.03 6.97
N LEU B 339 -29.95 -21.92 6.48
CA LEU B 339 -29.85 -22.42 5.11
C LEU B 339 -30.68 -21.59 4.11
N CYS B 340 -31.27 -20.48 4.54
CA CYS B 340 -32.03 -19.61 3.66
C CYS B 340 -31.10 -18.89 2.67
N LYS B 341 -31.70 -18.30 1.63
CA LYS B 341 -30.97 -17.45 0.68
C LYS B 341 -30.46 -16.20 1.39
N PRO B 342 -29.32 -15.63 0.92
CA PRO B 342 -28.80 -14.42 1.57
C PRO B 342 -29.78 -13.27 1.66
N GLU B 343 -30.61 -13.07 0.63
CA GLU B 343 -31.58 -11.98 0.63
C GLU B 343 -32.74 -12.20 1.60
N ASP B 344 -32.93 -13.41 2.12
CA ASP B 344 -34.02 -13.69 3.04
C ASP B 344 -33.56 -13.83 4.49
N VAL B 345 -32.31 -13.44 4.79
CA VAL B 345 -31.76 -13.60 6.13
C VAL B 345 -32.34 -12.57 7.09
N SER B 346 -32.84 -13.05 8.23
CA SER B 346 -33.24 -12.21 9.35
C SER B 346 -32.54 -12.67 10.61
N TYR B 347 -32.30 -11.74 11.52
CA TYR B 347 -31.65 -12.02 12.79
C TYR B 347 -32.65 -11.91 13.92
N THR B 348 -32.74 -12.97 14.72
CA THR B 348 -33.60 -13.01 15.90
C THR B 348 -32.79 -12.49 17.09
N PHE B 349 -33.19 -11.33 17.64
CA PHE B 349 -32.45 -10.78 18.78
C PHE B 349 -32.60 -11.71 19.98
N MET B 350 -31.50 -11.94 20.69
CA MET B 350 -31.54 -12.77 21.89
C MET B 350 -31.74 -11.89 23.12
N PRO B 351 -32.77 -12.15 23.94
CA PRO B 351 -33.15 -11.21 25.00
C PRO B 351 -32.23 -11.19 26.21
N ASN B 352 -31.22 -12.06 26.25
CA ASN B 352 -30.25 -12.03 27.34
C ASN B 352 -28.99 -11.22 27.01
N MET B 353 -28.91 -10.60 25.84
CA MET B 353 -27.69 -9.88 25.44
C MET B 353 -27.60 -8.49 26.08
N SER B 354 -28.61 -7.66 25.84
CA SER B 354 -28.71 -6.31 26.36
C SER B 354 -30.20 -5.99 26.43
N TYR B 355 -30.53 -4.90 27.10
CA TYR B 355 -31.90 -4.43 27.12
C TYR B 355 -32.12 -3.56 25.88
N PHE B 356 -33.00 -4.02 24.98
CA PHE B 356 -33.21 -3.41 23.66
C PHE B 356 -34.49 -2.57 23.62
N GLU B 357 -34.37 -1.39 23.03
CA GLU B 357 -35.51 -0.55 22.67
C GLU B 357 -35.34 -0.11 21.23
N PHE B 358 -36.38 0.49 20.65
CA PHE B 358 -36.42 0.76 19.22
C PHE B 358 -37.14 2.06 18.92
N ILE B 359 -36.51 2.89 18.08
CA ILE B 359 -37.08 4.17 17.64
C ILE B 359 -37.66 3.97 16.25
N PRO B 360 -38.96 4.19 16.05
CA PRO B 360 -39.54 3.99 14.72
C PRO B 360 -38.90 4.91 13.69
N MET B 361 -38.64 4.36 12.50
CA MET B 361 -38.06 5.14 11.41
C MET B 361 -39.00 5.29 10.23
N ASP B 362 -40.28 4.96 10.39
CA ASP B 362 -41.29 5.22 9.37
C ASP B 362 -42.62 5.51 10.06
N GLY B 363 -43.66 5.72 9.24
CA GLY B 363 -44.98 6.07 9.75
C GLY B 363 -45.81 4.92 10.30
N GLY B 364 -45.38 3.66 10.10
CA GLY B 364 -46.14 2.52 10.58
C GLY B 364 -46.18 2.39 12.09
N ASP B 365 -45.34 3.13 12.82
CA ASP B 365 -45.29 3.07 14.28
C ASP B 365 -45.13 4.50 14.77
N LYS B 366 -46.14 5.02 15.45
CA LYS B 366 -46.17 6.42 15.87
C LYS B 366 -45.64 6.65 17.28
N ASN B 367 -45.22 5.61 17.98
CA ASN B 367 -44.64 5.79 19.31
C ASN B 367 -43.27 6.47 19.20
N ASP B 368 -42.82 7.03 20.32
CA ASP B 368 -41.48 7.62 20.38
C ASP B 368 -40.41 6.53 20.44
N VAL B 369 -40.62 5.53 21.29
CA VAL B 369 -39.67 4.44 21.50
C VAL B 369 -40.48 3.25 22.03
N VAL B 370 -40.09 2.03 21.63
CA VAL B 370 -40.83 0.85 22.02
C VAL B 370 -39.90 -0.27 22.41
N ASP B 371 -40.40 -1.17 23.27
CA ASP B 371 -39.69 -2.34 23.74
C ASP B 371 -39.55 -3.39 22.64
N LEU B 372 -38.60 -4.31 22.85
CA LEU B 372 -38.40 -5.41 21.92
C LEU B 372 -39.71 -6.13 21.61
N GLU B 373 -40.51 -6.44 22.66
CA GLU B 373 -41.71 -7.25 22.45
C GLU B 373 -42.83 -6.51 21.74
N ASP B 374 -42.67 -5.22 21.44
CA ASP B 374 -43.75 -4.40 20.87
C ASP B 374 -43.49 -3.93 19.44
N VAL B 375 -42.36 -4.29 18.84
CA VAL B 375 -42.03 -3.86 17.48
C VAL B 375 -43.05 -4.44 16.50
N LYS B 376 -43.40 -3.63 15.48
CA LYS B 376 -44.48 -3.98 14.55
C LYS B 376 -43.95 -4.58 13.26
N LEU B 377 -44.66 -5.60 12.79
CA LEU B 377 -44.29 -6.28 11.55
C LEU B 377 -44.26 -5.31 10.38
N GLY B 378 -43.23 -5.43 9.54
CA GLY B 378 -43.09 -4.56 8.39
C GLY B 378 -42.58 -3.16 8.67
N CYS B 379 -42.31 -2.81 9.92
CA CYS B 379 -41.87 -1.47 10.27
C CYS B 379 -40.35 -1.46 10.49
N THR B 380 -39.75 -0.28 10.27
CA THR B 380 -38.32 -0.10 10.44
C THR B 380 -38.05 0.68 11.72
N TYR B 381 -36.92 0.36 12.35
CA TYR B 381 -36.52 0.95 13.63
C TYR B 381 -35.01 1.14 13.67
N GLU B 382 -34.56 2.10 14.54
CA GLU B 382 -33.16 2.16 14.96
C GLU B 382 -33.04 1.53 16.35
N PRO B 383 -32.17 0.53 16.54
CA PRO B 383 -32.05 -0.08 17.87
C PRO B 383 -31.42 0.86 18.89
N VAL B 384 -31.82 0.66 20.14
CA VAL B 384 -31.34 1.41 21.30
C VAL B 384 -30.92 0.38 22.35
N VAL B 385 -29.73 0.58 22.95
CA VAL B 385 -29.05 -0.46 23.71
C VAL B 385 -28.71 0.02 25.13
N THR B 386 -29.02 -0.81 26.13
CA THR B 386 -28.54 -0.62 27.49
C THR B 386 -27.76 -1.89 27.82
N ASN B 387 -26.43 -1.76 28.03
CA ASN B 387 -25.59 -2.95 28.12
C ASN B 387 -24.94 -3.06 29.51
N PHE B 388 -24.03 -4.03 29.65
CA PHE B 388 -23.37 -4.32 30.93
C PHE B 388 -22.06 -3.56 31.09
N ALA B 389 -21.84 -2.49 30.33
CA ALA B 389 -20.56 -1.77 30.40
C ALA B 389 -20.73 -0.26 30.40
N GLY B 390 -21.87 0.25 30.89
CA GLY B 390 -22.02 1.69 31.08
C GLY B 390 -22.73 2.45 29.97
N LEU B 391 -23.31 1.77 28.98
CA LEU B 391 -24.14 2.45 28.00
C LEU B 391 -25.60 2.31 28.41
N TYR B 392 -26.31 3.43 28.52
CA TYR B 392 -27.72 3.42 28.87
C TYR B 392 -28.51 4.14 27.76
N ARG B 393 -29.43 3.40 27.13
CA ARG B 393 -30.31 3.88 26.08
C ARG B 393 -29.55 4.56 24.94
N MET B 394 -28.53 3.86 24.43
CA MET B 394 -27.65 4.38 23.40
C MET B 394 -28.14 3.99 22.00
N ARG B 395 -28.42 5.00 21.16
CA ARG B 395 -28.74 4.77 19.76
C ARG B 395 -27.57 4.12 19.02
N VAL B 396 -27.88 3.10 18.24
CA VAL B 396 -26.88 2.29 17.54
C VAL B 396 -26.58 2.80 16.13
N GLY B 397 -27.54 3.43 15.47
CA GLY B 397 -27.32 3.99 14.15
C GLY B 397 -27.53 3.03 13.00
N ASP B 398 -28.03 1.83 13.25
CA ASP B 398 -28.46 0.90 12.23
C ASP B 398 -29.95 1.06 12.01
N ILE B 399 -30.41 0.60 10.86
CA ILE B 399 -31.84 0.54 10.52
C ILE B 399 -32.18 -0.92 10.31
N VAL B 400 -33.21 -1.41 11.00
CA VAL B 400 -33.66 -2.79 10.90
C VAL B 400 -35.15 -2.82 10.56
N LEU B 401 -35.57 -3.89 9.88
CA LEU B 401 -36.96 -4.06 9.45
C LEU B 401 -37.52 -5.33 10.09
N VAL B 402 -38.67 -5.23 10.74
CA VAL B 402 -39.27 -6.40 11.38
C VAL B 402 -39.88 -7.28 10.29
N THR B 403 -39.36 -8.51 10.14
CA THR B 403 -39.85 -9.44 9.14
C THR B 403 -40.72 -10.56 9.70
N GLY B 404 -40.76 -10.75 11.02
CA GLY B 404 -41.55 -11.82 11.59
C GLY B 404 -41.23 -12.03 13.05
N PHE B 405 -41.72 -13.14 13.58
CA PHE B 405 -41.55 -13.48 14.99
C PHE B 405 -41.34 -14.99 15.13
N TYR B 406 -40.27 -15.37 15.83
CA TYR B 406 -39.97 -16.76 16.15
C TYR B 406 -40.43 -16.99 17.58
N ASN B 407 -41.54 -17.71 17.74
CA ASN B 407 -42.27 -17.70 19.01
C ASN B 407 -42.53 -16.23 19.36
N ASN B 408 -42.02 -15.73 20.50
CA ASN B 408 -42.22 -14.33 20.86
C ASN B 408 -40.98 -13.46 20.61
N ALA B 409 -40.02 -13.95 19.83
CA ALA B 409 -38.79 -13.21 19.55
C ALA B 409 -38.88 -12.55 18.18
N PRO B 410 -38.93 -11.22 18.10
CA PRO B 410 -38.92 -10.55 16.79
C PRO B 410 -37.69 -10.89 15.97
N GLN B 411 -37.87 -10.91 14.65
CA GLN B 411 -36.80 -11.21 13.71
C GLN B 411 -36.59 -10.00 12.80
N PHE B 412 -35.34 -9.61 12.59
CA PHE B 412 -35.02 -8.34 11.93
C PHE B 412 -34.18 -8.56 10.69
N LYS B 413 -34.56 -7.88 9.59
CA LYS B 413 -33.69 -7.78 8.43
C LYS B 413 -32.81 -6.55 8.62
N PHE B 414 -31.51 -6.71 8.38
CA PHE B 414 -30.62 -5.55 8.45
C PHE B 414 -30.81 -4.72 7.18
N VAL B 415 -31.19 -3.44 7.34
CA VAL B 415 -31.44 -2.62 6.16
C VAL B 415 -30.17 -1.87 5.80
N ARG B 416 -29.70 -1.02 6.71
CA ARG B 416 -28.50 -0.25 6.41
C ARG B 416 -28.03 0.43 7.68
N ARG B 417 -26.79 0.90 7.64
CA ARG B 417 -26.30 1.80 8.67
C ARG B 417 -26.60 3.23 8.23
N GLU B 418 -27.23 3.99 9.12
CA GLU B 418 -27.64 5.36 8.80
C GLU B 418 -26.47 6.17 8.28
N ASN B 419 -26.70 6.88 7.16
CA ASN B 419 -25.81 7.88 6.58
C ASN B 419 -24.64 7.27 5.80
N VAL B 420 -24.44 5.96 5.81
CA VAL B 420 -23.33 5.34 5.09
C VAL B 420 -23.64 5.31 3.60
N VAL B 421 -22.70 5.78 2.78
CA VAL B 421 -22.87 5.82 1.34
C VAL B 421 -21.93 4.88 0.61
N LEU B 422 -20.72 4.63 1.12
CA LEU B 422 -19.75 3.78 0.48
C LEU B 422 -19.24 2.76 1.47
N SER B 423 -19.19 1.49 1.06
CA SER B 423 -18.62 0.44 1.90
C SER B 423 -18.11 -0.69 1.03
N ILE B 424 -16.83 -1.01 1.19
CA ILE B 424 -16.20 -2.13 0.52
C ILE B 424 -15.85 -3.25 1.51
N ASP B 425 -15.11 -2.91 2.56
CA ASP B 425 -14.62 -3.89 3.53
C ASP B 425 -15.22 -3.49 4.88
N SER B 426 -14.38 -3.19 5.88
CA SER B 426 -14.91 -2.72 7.17
C SER B 426 -15.20 -1.21 7.15
N ASP B 427 -14.67 -0.50 6.16
CA ASP B 427 -14.94 0.93 5.98
C ASP B 427 -16.43 1.21 5.89
N LYS B 428 -16.85 2.33 6.50
CA LYS B 428 -18.24 2.79 6.47
C LYS B 428 -18.22 4.31 6.23
N THR B 429 -17.95 4.70 4.99
CA THR B 429 -17.88 6.11 4.65
C THR B 429 -19.29 6.70 4.58
N ASN B 430 -19.56 7.68 5.43
CA ASN B 430 -20.90 8.24 5.54
C ASN B 430 -21.05 9.48 4.66
N GLU B 431 -22.26 10.05 4.67
CA GLU B 431 -22.59 11.18 3.81
C GLU B 431 -21.67 12.37 4.08
N GLU B 432 -21.48 12.73 5.35
CA GLU B 432 -20.78 13.97 5.65
C GLU B 432 -19.31 13.91 5.23
N ASP B 433 -18.67 12.74 5.42
CA ASP B 433 -17.26 12.62 5.01
C ASP B 433 -17.11 12.70 3.50
N LEU B 434 -18.06 12.13 2.76
CA LEU B 434 -18.01 12.22 1.30
C LEU B 434 -18.18 13.67 0.83
N PHE B 435 -19.02 14.45 1.52
CA PHE B 435 -19.14 15.87 1.21
C PHE B 435 -17.84 16.60 1.51
N LYS B 436 -17.20 16.31 2.66
CA LYS B 436 -15.90 16.91 2.96
C LYS B 436 -14.90 16.62 1.85
N ALA B 437 -14.85 15.37 1.39
CA ALA B 437 -13.86 14.97 0.39
C ALA B 437 -14.07 15.71 -0.92
N VAL B 438 -15.31 15.81 -1.38
CA VAL B 438 -15.58 16.46 -2.65
C VAL B 438 -15.38 17.96 -2.55
N SER B 439 -15.66 18.55 -1.38
CA SER B 439 -15.37 19.97 -1.22
C SER B 439 -13.86 20.22 -1.21
N GLN B 440 -13.09 19.33 -0.56
CA GLN B 440 -11.64 19.43 -0.63
C GLN B 440 -11.14 19.26 -2.07
N ALA B 441 -11.86 18.50 -2.89
CA ALA B 441 -11.49 18.38 -4.30
C ALA B 441 -11.81 19.65 -5.06
N LYS B 442 -12.93 20.30 -4.73
CA LYS B 442 -13.31 21.55 -5.37
C LYS B 442 -12.49 22.71 -4.80
N THR B 456 -21.80 12.28 -7.66
CA THR B 456 -22.16 11.14 -6.81
C THR B 456 -21.08 10.07 -6.81
N SER B 457 -21.39 8.91 -6.23
CA SER B 457 -20.40 7.89 -5.98
C SER B 457 -21.00 6.51 -6.15
N TYR B 458 -20.13 5.52 -6.23
CA TYR B 458 -20.50 4.11 -6.41
C TYR B 458 -19.36 3.27 -5.82
N ALA B 459 -19.73 2.15 -5.20
CA ALA B 459 -18.76 1.23 -4.61
C ALA B 459 -18.56 0.08 -5.58
N ASP B 460 -17.41 0.09 -6.26
CA ASP B 460 -17.14 -0.89 -7.31
C ASP B 460 -16.47 -2.12 -6.72
N THR B 461 -17.04 -3.29 -6.98
CA THR B 461 -16.42 -4.57 -6.63
C THR B 461 -16.37 -5.50 -7.84
N SER B 462 -16.38 -4.94 -9.05
CA SER B 462 -16.22 -5.76 -10.25
C SER B 462 -14.81 -6.31 -10.39
N THR B 463 -13.84 -5.69 -9.72
CA THR B 463 -12.46 -6.16 -9.71
C THR B 463 -11.94 -6.15 -8.29
N PHE B 464 -10.96 -7.00 -8.03
CA PHE B 464 -10.38 -7.03 -6.69
C PHE B 464 -9.01 -6.37 -6.70
N PRO B 465 -8.72 -5.52 -5.69
CA PRO B 465 -9.64 -5.20 -4.59
C PRO B 465 -10.72 -4.20 -5.01
N GLY B 466 -11.81 -4.14 -4.25
CA GLY B 466 -12.83 -3.12 -4.51
C GLY B 466 -12.29 -1.73 -4.27
N HIS B 467 -12.93 -0.75 -4.91
CA HIS B 467 -12.50 0.63 -4.77
C HIS B 467 -13.69 1.57 -4.91
N TYR B 468 -13.52 2.78 -4.39
CA TYR B 468 -14.53 3.82 -4.49
C TYR B 468 -14.49 4.48 -5.86
N VAL B 469 -15.65 4.89 -6.35
CA VAL B 469 -15.78 5.59 -7.62
C VAL B 469 -16.59 6.85 -7.40
N VAL B 470 -16.03 8.00 -7.76
CA VAL B 470 -16.69 9.29 -7.60
C VAL B 470 -16.92 9.89 -8.99
N TYR B 471 -18.19 10.09 -9.34
CA TYR B 471 -18.57 10.70 -10.62
C TYR B 471 -18.65 12.22 -10.46
N LEU B 472 -18.25 12.94 -11.51
CA LEU B 472 -18.39 14.39 -11.51
C LEU B 472 -18.41 14.97 -12.91
N LEU B 494 -6.08 16.17 -11.84
CA LEU B 494 -7.21 15.36 -11.40
C LEU B 494 -6.75 14.11 -10.62
N SER B 495 -5.49 13.72 -10.80
CA SER B 495 -4.94 12.68 -9.94
C SER B 495 -4.78 13.18 -8.51
N THR B 496 -4.43 14.46 -8.36
CA THR B 496 -4.39 15.08 -7.04
C THR B 496 -5.78 15.21 -6.44
N CYS B 497 -6.80 15.43 -7.26
CA CYS B 497 -8.18 15.41 -6.77
C CYS B 497 -8.51 14.06 -6.14
N CYS B 498 -8.14 12.97 -6.80
CA CYS B 498 -8.36 11.64 -6.24
C CYS B 498 -7.67 11.48 -4.89
N LEU B 499 -6.44 12.00 -4.77
CA LEU B 499 -5.63 11.76 -3.58
C LEU B 499 -6.13 12.58 -2.40
N VAL B 500 -6.51 13.84 -2.61
CA VAL B 500 -7.00 14.65 -1.49
C VAL B 500 -8.33 14.14 -0.99
N MET B 501 -9.13 13.51 -1.86
CA MET B 501 -10.38 12.90 -1.41
C MET B 501 -10.11 11.70 -0.51
N GLU B 502 -9.12 10.87 -0.87
CA GLU B 502 -8.77 9.73 -0.03
C GLU B 502 -8.17 10.17 1.29
N GLU B 503 -7.37 11.24 1.27
CA GLU B 503 -6.70 11.69 2.49
C GLU B 503 -7.67 12.20 3.54
N SER B 504 -8.89 12.56 3.15
CA SER B 504 -9.87 13.06 4.10
C SER B 504 -10.78 11.99 4.66
N LEU B 505 -10.69 10.74 4.20
CA LEU B 505 -11.50 9.67 4.72
C LEU B 505 -10.96 9.18 6.06
N ASP B 506 -11.74 8.35 6.74
CA ASP B 506 -11.39 8.01 8.12
C ASP B 506 -10.34 6.91 8.17
N ASN B 507 -9.88 6.62 9.41
CA ASN B 507 -8.77 5.69 9.60
C ASN B 507 -9.11 4.28 9.16
N VAL B 508 -10.37 3.85 9.32
CA VAL B 508 -10.74 2.51 8.88
C VAL B 508 -10.50 2.36 7.38
N TYR B 509 -10.88 3.37 6.60
CA TYR B 509 -10.61 3.35 5.17
C TYR B 509 -9.11 3.22 4.90
N LYS B 510 -8.32 4.11 5.50
CA LYS B 510 -6.88 4.13 5.23
C LYS B 510 -6.20 2.83 5.65
N ARG B 511 -6.69 2.19 6.72
CA ARG B 511 -6.11 0.92 7.11
C ARG B 511 -6.49 -0.18 6.12
N CYS B 512 -7.73 -0.17 5.63
CA CYS B 512 -8.13 -1.12 4.59
C CYS B 512 -7.37 -0.87 3.29
N ARG B 513 -7.17 0.40 2.95
CA ARG B 513 -6.56 0.75 1.67
C ARG B 513 -5.05 0.54 1.69
N PHE B 514 -4.35 1.13 2.67
CA PHE B 514 -2.91 1.21 2.67
C PHE B 514 -2.21 0.11 3.48
N LYS B 515 -2.95 -0.66 4.27
CA LYS B 515 -2.41 -1.81 4.99
C LYS B 515 -2.91 -3.12 4.40
N ASP B 516 -4.20 -3.43 4.56
CA ASP B 516 -4.73 -4.71 4.14
C ASP B 516 -4.57 -4.92 2.64
N GLY B 517 -4.73 -3.86 1.85
CA GLY B 517 -4.93 -4.04 0.43
C GLY B 517 -6.31 -4.50 0.07
N SER B 518 -7.28 -4.38 0.99
CA SER B 518 -8.66 -4.76 0.73
C SER B 518 -9.43 -3.69 -0.03
N ILE B 519 -8.92 -2.47 -0.12
CA ILE B 519 -9.51 -1.42 -0.93
C ILE B 519 -8.45 -0.88 -1.88
N GLY B 520 -8.84 -0.64 -3.12
CA GLY B 520 -7.93 -0.11 -4.12
C GLY B 520 -7.98 1.39 -4.23
N PRO B 521 -7.21 1.95 -5.16
CA PRO B 521 -7.15 3.42 -5.30
C PRO B 521 -8.50 4.00 -5.70
N LEU B 522 -8.89 5.07 -5.00
CA LEU B 522 -10.10 5.80 -5.36
C LEU B 522 -10.00 6.29 -6.79
N GLU B 523 -11.13 6.24 -7.51
CA GLU B 523 -11.19 6.57 -8.92
C GLU B 523 -12.24 7.65 -9.16
N ILE B 524 -11.87 8.66 -9.94
CA ILE B 524 -12.80 9.69 -10.38
C ILE B 524 -13.14 9.44 -11.85
N ARG B 525 -14.44 9.44 -12.16
CA ARG B 525 -14.89 9.24 -13.53
C ARG B 525 -15.69 10.45 -14.00
N VAL B 568 -19.26 8.73 -19.23
CA VAL B 568 -17.91 8.87 -18.71
C VAL B 568 -16.95 9.26 -19.83
N VAL B 569 -16.34 10.44 -19.68
CA VAL B 569 -15.40 10.96 -20.68
C VAL B 569 -13.96 10.56 -20.35
N ALA B 570 -13.60 10.52 -19.07
CA ALA B 570 -12.23 10.20 -18.68
C ALA B 570 -12.23 9.63 -17.28
N LYS B 571 -11.17 8.89 -16.95
CA LYS B 571 -11.01 8.25 -15.66
C LYS B 571 -9.64 8.57 -15.09
N PHE B 572 -9.60 8.86 -13.78
CA PHE B 572 -8.34 9.14 -13.09
C PHE B 572 -8.31 8.38 -11.79
N PHE B 573 -7.11 8.17 -11.26
CA PHE B 573 -6.89 7.31 -10.10
C PHE B 573 -6.00 8.00 -9.08
N SER B 574 -6.15 7.57 -7.83
CA SER B 574 -5.38 8.13 -6.73
C SER B 574 -4.00 7.48 -6.66
N ILE B 575 -3.00 8.29 -6.31
CA ILE B 575 -1.64 7.83 -6.04
C ILE B 575 -0.69 9.03 -6.01
P AMP C . 15.20 15.00 -11.79
O1P AMP C . 14.05 14.34 -11.06
O2P AMP C . 14.96 16.42 -12.20
O3P AMP C . 15.82 14.16 -12.88
O5' AMP C . 16.29 15.14 -10.63
C5' AMP C . 17.67 14.96 -10.86
C4' AMP C . 18.44 15.28 -9.60
O4' AMP C . 18.78 14.06 -8.91
C3' AMP C . 19.77 15.99 -9.77
O3' AMP C . 19.64 17.38 -10.04
C2' AMP C . 20.47 15.65 -8.46
O2' AMP C . 19.96 16.42 -7.39
C1' AMP C . 20.05 14.20 -8.27
N9 AMP C . 21.00 13.32 -8.95
C8 AMP C . 20.93 12.94 -10.24
N7 AMP C . 22.01 12.19 -10.58
C5 AMP C . 22.79 12.12 -9.48
C6 AMP C . 24.08 11.49 -9.16
N6 AMP C . 24.75 10.77 -10.10
N1 AMP C . 24.56 11.66 -7.91
C2 AMP C . 23.89 12.37 -6.97
N3 AMP C . 22.70 12.96 -7.20
C4 AMP C . 22.13 12.87 -8.42
P AMP D . -18.71 -2.10 14.93
O1P AMP D . -18.54 -3.56 15.31
O2P AMP D . -19.25 -1.22 16.02
O3P AMP D . -17.56 -1.53 14.11
O5' AMP D . -19.88 -2.05 13.87
C5' AMP D . -20.78 -3.13 13.69
C4' AMP D . -21.74 -2.79 12.58
O4' AMP D . -21.49 -3.63 11.43
C3' AMP D . -23.22 -2.99 12.87
O3' AMP D . -23.78 -1.98 13.69
C2' AMP D . -23.79 -3.04 11.46
O2' AMP D . -23.84 -1.73 10.91
C1' AMP D . -22.71 -3.86 10.74
N9 AMP D . -23.00 -5.30 10.87
C8 AMP D . -22.62 -6.12 11.88
N7 AMP D . -23.11 -7.38 11.72
C5 AMP D . -23.81 -7.36 10.58
C6 AMP D . -24.60 -8.32 9.81
N6 AMP D . -24.70 -9.60 10.22
N1 AMP D . -25.19 -7.90 8.66
C2 AMP D . -25.07 -6.63 8.23
N3 AMP D . -24.37 -5.69 8.88
C4 AMP D . -23.74 -5.99 10.03
C1 ISJ E . -16.48 -16.59 12.84
C2 ISJ E . -16.62 -15.38 13.82
C3 ISJ E . -17.66 -14.55 13.75
C4 ISJ E . -18.64 -14.73 12.62
C5 ISJ E . -18.24 -15.35 11.56
C6 ISJ E . -17.56 -16.69 11.75
C7 ISJ E . -18.22 -13.65 14.86
O8 ISJ E . -19.44 -13.51 14.85
O9 ISJ E . -17.55 -13.03 15.73
O10 ISJ E . -17.07 -17.07 10.52
O11 ISJ E . -16.63 -17.79 13.53
C12 ISJ E . -15.53 -18.50 13.98
C13 ISJ E . -15.26 -18.68 15.46
O14 ISJ E . -15.93 -19.55 16.10
O15 ISJ E . -14.35 -18.01 15.99
C16 ISJ E . -14.70 -19.02 13.13
H1 ISJ E . -15.60 -16.56 12.43
H2 ISJ E . -15.97 -15.24 14.47
H4 ISJ E . -19.43 -14.25 12.61
H5 ISJ E . -18.61 -15.13 10.74
H6 ISJ E . -18.23 -17.32 12.05
HO10 ISJ E . -16.72 -17.85 10.59
H16 ISJ E . -14.85 -18.91 12.22
H16A ISJ E . -13.96 -19.49 13.43
#